data_1QSJ
#
_entry.id   1QSJ
#
_cell.length_a   99.62
_cell.length_b   99.93
_cell.length_c   114.88
_cell.angle_alpha   90
_cell.angle_beta   90
_cell.angle_gamma   90
#
_symmetry.space_group_name_H-M   'P 21 21 21'
#
loop_
_entity.id
_entity.type
_entity.pdbx_description
1 polymer 'COMPLEMENT C3 PRECURSOR'
2 water water
#
_entity_poly.entity_id   1
_entity_poly.type   'polypeptide(L)'
_entity_poly.pdbx_seq_one_letter_code
;CGEQNMIGMTPTVIAVHYLDQTEQWEKFGLEKRQEALELIKKGYTQQLAFKQPISAYAAFNNRPPSTWLTAYVSRVFSLA
ANLIAIDSQVLCGAVKWLILEKQKPDGVFQEDGPVIHQEMIGGFRNTKEADVSLTAFVLIALQEARDICEGQVNSLPGSI
NKAGEYLEASYLNLQRPYTVAIAGYALALMNKLEEPYLTKFLNTAKDRNRWEEPGQQLYNVEATSYALLALLLLKDFDSV
PPVVRWLNDERYYGGGYGSTQATFMVFQALAQYRADV
;
_entity_poly.pdbx_strand_id   A,B,C,D
#
# COMPACT_ATOMS: atom_id res chain seq x y z
N CYS A 1 4.98 10.39 0.96
CA CYS A 1 5.89 9.24 1.24
C CYS A 1 5.68 8.68 2.66
N GLY A 2 5.74 9.57 3.65
CA GLY A 2 5.52 9.20 5.04
C GLY A 2 6.62 8.35 5.66
N GLU A 3 6.93 7.22 5.02
CA GLU A 3 7.98 6.34 5.50
C GLU A 3 9.24 6.71 4.74
N GLN A 4 9.10 6.86 3.43
CA GLN A 4 10.24 7.21 2.57
C GLN A 4 10.89 8.53 2.93
N ASN A 5 10.11 9.47 3.43
CA ASN A 5 10.68 10.78 3.79
C ASN A 5 11.69 10.56 4.93
N MET A 6 11.34 9.70 5.87
CA MET A 6 12.21 9.42 6.99
C MET A 6 13.44 8.66 6.51
N ILE A 7 13.25 7.83 5.49
CA ILE A 7 14.35 7.07 4.93
C ILE A 7 15.33 8.05 4.27
N GLY A 8 14.78 8.96 3.47
CA GLY A 8 15.61 9.92 2.76
C GLY A 8 16.38 10.93 3.60
N MET A 9 15.83 11.34 4.74
CA MET A 9 16.50 12.34 5.56
C MET A 9 17.44 11.79 6.60
N THR A 10 17.32 10.51 6.92
CA THR A 10 18.15 9.88 7.92
C THR A 10 19.66 10.06 7.77
N PRO A 11 20.21 9.71 6.59
CA PRO A 11 21.66 9.84 6.40
C PRO A 11 22.24 11.22 6.71
N THR A 12 21.55 12.27 6.28
CA THR A 12 22.00 13.64 6.49
C THR A 12 21.88 14.03 7.96
N VAL A 13 20.75 13.68 8.59
CA VAL A 13 20.53 14.01 9.99
C VAL A 13 21.64 13.48 10.89
N ILE A 14 21.94 12.19 10.77
CA ILE A 14 22.98 11.57 11.60
C ILE A 14 24.42 11.91 11.17
N ALA A 15 24.59 12.35 9.93
CA ALA A 15 25.91 12.74 9.43
C ALA A 15 26.28 14.10 10.05
N VAL A 16 25.30 15.00 10.14
CA VAL A 16 25.55 16.34 10.72
C VAL A 16 25.82 16.13 12.21
N HIS A 17 25.05 15.23 12.82
CA HIS A 17 25.20 14.92 14.24
C HIS A 17 26.60 14.39 14.52
N TYR A 18 27.04 13.48 13.66
CA TYR A 18 28.36 12.88 13.81
C TYR A 18 29.50 13.89 13.62
N LEU A 19 29.41 14.68 12.55
CA LEU A 19 30.45 15.69 12.26
C LEU A 19 30.45 16.77 13.35
N ASP A 20 29.27 17.04 13.89
CA ASP A 20 29.11 18.01 14.96
C ASP A 20 29.82 17.53 16.23
N GLN A 21 29.40 16.36 16.71
CA GLN A 21 29.92 15.74 17.92
C GLN A 21 31.41 15.40 17.88
N THR A 22 31.93 15.06 16.72
CA THR A 22 33.34 14.70 16.60
C THR A 22 34.16 15.89 16.15
N GLU A 23 33.49 17.01 15.89
CA GLU A 23 34.15 18.25 15.46
C GLU A 23 35.08 18.00 14.29
N GLN A 24 34.51 17.50 13.18
CA GLN A 24 35.30 17.20 12.00
C GLN A 24 34.80 17.95 10.78
N TRP A 25 34.25 19.14 10.99
CA TRP A 25 33.73 19.93 9.88
C TRP A 25 34.85 20.61 9.07
N GLU A 26 36.02 20.76 9.70
CA GLU A 26 37.16 21.38 9.04
C GLU A 26 37.56 20.57 7.81
N LYS A 27 37.70 19.25 7.98
CA LYS A 27 38.06 18.37 6.89
C LYS A 27 36.92 18.21 5.89
N PHE A 28 35.70 18.19 6.40
CA PHE A 28 34.51 18.02 5.59
C PHE A 28 34.19 19.26 4.75
N GLY A 29 34.20 20.42 5.39
CA GLY A 29 33.88 21.64 4.68
C GLY A 29 32.84 22.37 5.49
N LEU A 30 33.30 23.36 6.26
CA LEU A 30 32.43 24.14 7.12
C LEU A 30 31.24 24.79 6.41
N GLU A 31 31.44 25.21 5.16
CA GLU A 31 30.37 25.85 4.39
C GLU A 31 29.32 24.87 3.92
N LYS A 32 29.53 23.57 4.18
CA LYS A 32 28.58 22.57 3.75
C LYS A 32 27.47 22.31 4.78
N ARG A 33 27.75 22.62 6.05
CA ARG A 33 26.78 22.39 7.12
C ARG A 33 25.44 23.11 6.99
N GLN A 34 25.43 24.31 6.42
CA GLN A 34 24.17 25.04 6.29
C GLN A 34 23.22 24.41 5.28
N GLU A 35 23.77 23.95 4.16
CA GLU A 35 22.96 23.33 3.13
C GLU A 35 22.39 22.01 3.63
N ALA A 36 23.18 21.30 4.43
CA ALA A 36 22.76 20.03 5.01
C ALA A 36 21.58 20.33 5.94
N LEU A 37 21.73 21.36 6.77
CA LEU A 37 20.68 21.77 7.70
C LEU A 37 19.37 22.11 6.97
N GLU A 38 19.50 22.72 5.79
CA GLU A 38 18.33 23.09 5.00
C GLU A 38 17.63 21.82 4.51
N LEU A 39 18.41 20.77 4.24
CA LEU A 39 17.84 19.51 3.78
C LEU A 39 17.03 18.93 4.94
N ILE A 40 17.62 18.98 6.14
CA ILE A 40 16.97 18.47 7.34
C ILE A 40 15.70 19.27 7.62
N LYS A 41 15.74 20.57 7.41
CA LYS A 41 14.58 21.43 7.61
C LYS A 41 13.45 21.03 6.64
N LYS A 42 13.82 20.74 5.41
CA LYS A 42 12.87 20.32 4.39
C LYS A 42 12.25 18.98 4.79
N GLY A 43 13.08 18.05 5.28
CA GLY A 43 12.58 16.75 5.67
C GLY A 43 11.60 16.82 6.84
N TYR A 44 11.95 17.60 7.85
CA TYR A 44 11.10 17.74 9.03
C TYR A 44 9.74 18.33 8.66
N THR A 45 9.76 19.38 7.84
CA THR A 45 8.52 20.04 7.42
C THR A 45 7.67 19.11 6.56
N GLN A 46 8.35 18.31 5.73
CA GLN A 46 7.70 17.36 4.84
C GLN A 46 7.03 16.24 5.65
N GLN A 47 7.67 15.87 6.76
CA GLN A 47 7.13 14.81 7.63
C GLN A 47 5.85 15.25 8.33
N LEU A 48 5.73 16.55 8.58
CA LEU A 48 4.55 17.12 9.24
C LEU A 48 3.31 16.94 8.39
N ALA A 49 3.48 16.77 7.10
CA ALA A 49 2.36 16.57 6.19
C ALA A 49 1.74 15.19 6.47
N PHE A 50 2.51 14.35 7.14
CA PHE A 50 2.05 12.99 7.47
C PHE A 50 1.70 12.78 8.93
N LYS A 51 1.71 13.86 9.70
CA LYS A 51 1.34 13.76 11.11
C LYS A 51 -0.19 13.74 11.13
N GLN A 52 -0.76 12.64 11.61
CA GLN A 52 -2.20 12.50 11.66
C GLN A 52 -2.75 13.24 12.88
N PRO A 53 -4.07 13.53 12.91
CA PRO A 53 -4.72 14.24 14.00
C PRO A 53 -4.35 13.70 15.37
N ILE A 54 -3.94 12.44 15.41
CA ILE A 54 -3.56 11.78 16.65
C ILE A 54 -2.12 12.06 17.06
N SER A 55 -1.36 12.71 16.17
CA SER A 55 0.05 13.04 16.38
C SER A 55 0.95 11.88 15.98
N ALA A 56 0.34 10.83 15.41
CA ALA A 56 1.06 9.64 14.96
C ALA A 56 1.33 9.70 13.47
N TYR A 57 2.18 8.80 12.99
CA TYR A 57 2.53 8.76 11.59
C TYR A 57 2.25 7.44 10.87
N ALA A 58 2.13 7.53 9.56
CA ALA A 58 1.89 6.39 8.68
C ALA A 58 2.40 6.82 7.31
N ALA A 59 2.61 5.87 6.42
CA ALA A 59 3.10 6.17 5.08
C ALA A 59 2.21 7.17 4.36
N PHE A 60 0.91 7.08 4.60
CA PHE A 60 -0.08 7.96 3.99
C PHE A 60 -1.05 8.41 5.08
N ASN A 61 -1.66 9.58 4.88
CA ASN A 61 -2.60 10.12 5.85
C ASN A 61 -3.87 9.27 5.95
N ASN A 62 -4.04 8.37 4.99
CA ASN A 62 -5.20 7.50 4.95
C ASN A 62 -4.89 6.18 5.62
N ARG A 63 -3.61 5.90 5.83
CA ARG A 63 -3.17 4.66 6.43
C ARG A 63 -3.11 4.67 7.96
N PRO A 64 -3.68 3.64 8.60
CA PRO A 64 -3.65 3.59 10.07
C PRO A 64 -2.20 3.76 10.52
N PRO A 65 -1.98 4.47 11.64
CA PRO A 65 -0.65 4.74 12.21
C PRO A 65 0.23 3.57 12.61
N SER A 66 1.53 3.73 12.33
CA SER A 66 2.52 2.73 12.68
C SER A 66 3.19 3.12 13.98
N THR A 67 3.23 2.17 14.92
CA THR A 67 3.85 2.40 16.22
C THR A 67 5.36 2.55 16.01
N TRP A 68 5.93 1.68 15.18
CA TRP A 68 7.35 1.75 14.90
C TRP A 68 7.74 3.08 14.23
N LEU A 69 7.02 3.45 13.17
CA LEU A 69 7.31 4.69 12.45
C LEU A 69 7.20 5.92 13.33
N THR A 70 6.15 5.96 14.16
CA THR A 70 5.97 7.10 15.04
C THR A 70 7.13 7.17 16.05
N ALA A 71 7.58 6.01 16.51
CA ALA A 71 8.67 5.96 17.46
C ALA A 71 9.98 6.36 16.77
N TYR A 72 10.14 6.02 15.50
CA TYR A 72 11.35 6.38 14.77
C TYR A 72 11.38 7.90 14.50
N VAL A 73 10.20 8.50 14.28
CA VAL A 73 10.14 9.94 14.05
C VAL A 73 10.55 10.64 15.34
N SER A 74 10.10 10.10 16.47
CA SER A 74 10.44 10.67 17.77
C SER A 74 11.94 10.50 18.02
N ARG A 75 12.50 9.38 17.56
CA ARG A 75 13.93 9.11 17.72
C ARG A 75 14.79 10.07 16.88
N VAL A 76 14.38 10.29 15.63
CA VAL A 76 15.10 11.19 14.74
C VAL A 76 14.91 12.63 15.19
N PHE A 77 13.64 13.02 15.37
CA PHE A 77 13.30 14.39 15.76
C PHE A 77 13.93 14.80 17.09
N SER A 78 14.09 13.85 18.01
CA SER A 78 14.70 14.16 19.29
C SER A 78 16.15 14.56 19.08
N LEU A 79 16.81 13.84 18.18
CA LEU A 79 18.22 14.09 17.85
C LEU A 79 18.34 15.34 16.99
N ALA A 80 17.42 15.51 16.04
CA ALA A 80 17.42 16.66 15.14
C ALA A 80 17.08 17.97 15.84
N ALA A 81 16.49 17.88 17.03
CA ALA A 81 16.12 19.05 17.79
C ALA A 81 17.36 19.85 18.18
N ASN A 82 18.53 19.19 18.16
CA ASN A 82 19.79 19.82 18.50
C ASN A 82 20.41 20.46 17.25
N LEU A 83 19.80 20.19 16.10
CA LEU A 83 20.31 20.70 14.83
C LEU A 83 19.38 21.73 14.20
N ILE A 84 18.09 21.46 14.21
CA ILE A 84 17.11 22.40 13.66
C ILE A 84 16.00 22.64 14.67
N ALA A 85 15.19 23.66 14.43
CA ALA A 85 14.10 24.00 15.31
C ALA A 85 12.99 22.98 15.14
N ILE A 86 12.69 22.25 16.22
CA ILE A 86 11.63 21.25 16.19
C ILE A 86 10.56 21.66 17.17
N ASP A 87 9.31 21.56 16.74
CA ASP A 87 8.19 21.92 17.58
C ASP A 87 7.98 20.84 18.64
N SER A 88 8.05 21.26 19.90
CA SER A 88 7.84 20.38 21.05
C SER A 88 6.47 19.67 20.97
N GLN A 89 5.47 20.41 20.51
CA GLN A 89 4.10 19.90 20.37
C GLN A 89 4.09 18.67 19.46
N VAL A 90 4.85 18.75 18.38
CA VAL A 90 4.91 17.64 17.43
C VAL A 90 5.63 16.43 18.03
N LEU A 91 6.81 16.65 18.58
CA LEU A 91 7.61 15.57 19.16
C LEU A 91 6.93 14.90 20.36
N CYS A 92 6.48 15.73 21.30
CA CYS A 92 5.83 15.19 22.50
C CYS A 92 4.42 14.68 22.24
N GLY A 93 3.82 15.14 21.14
CA GLY A 93 2.50 14.65 20.79
C GLY A 93 2.63 13.18 20.43
N ALA A 94 3.65 12.86 19.64
CA ALA A 94 3.93 11.49 19.21
C ALA A 94 4.28 10.63 20.42
N VAL A 95 5.09 11.16 21.30
CA VAL A 95 5.50 10.45 22.51
C VAL A 95 4.26 10.08 23.33
N LYS A 96 3.37 11.04 23.50
CA LYS A 96 2.15 10.86 24.26
C LYS A 96 1.30 9.74 23.66
N TRP A 97 1.16 9.78 22.35
CA TRP A 97 0.38 8.78 21.63
C TRP A 97 0.90 7.39 21.91
N LEU A 98 2.21 7.22 21.81
CA LEU A 98 2.82 5.92 22.04
C LEU A 98 2.51 5.39 23.44
N ILE A 99 2.73 6.24 24.44
CA ILE A 99 2.52 5.90 25.84
C ILE A 99 1.07 5.60 26.21
N LEU A 100 0.17 6.50 25.84
CA LEU A 100 -1.25 6.37 26.16
C LEU A 100 -2.01 5.46 25.22
N GLU A 101 -1.47 5.22 24.03
CA GLU A 101 -2.17 4.42 23.05
C GLU A 101 -1.60 3.05 22.69
N LYS A 102 -0.28 2.94 22.68
CA LYS A 102 0.36 1.69 22.26
C LYS A 102 1.07 0.81 23.27
N GLN A 103 1.05 1.19 24.54
CA GLN A 103 1.70 0.36 25.55
C GLN A 103 0.67 -0.48 26.33
N LYS A 104 0.94 -1.77 26.47
CA LYS A 104 0.04 -2.65 27.21
C LYS A 104 0.38 -2.60 28.69
N PRO A 105 -0.56 -3.00 29.55
CA PRO A 105 -0.31 -2.97 31.00
C PRO A 105 0.97 -3.67 31.46
N ASP A 106 1.48 -4.63 30.69
CA ASP A 106 2.69 -5.33 31.08
C ASP A 106 3.94 -4.60 30.59
N GLY A 107 3.76 -3.42 30.00
CA GLY A 107 4.89 -2.65 29.52
C GLY A 107 5.25 -2.84 28.06
N VAL A 108 4.63 -3.82 27.42
CA VAL A 108 4.90 -4.08 26.02
C VAL A 108 4.27 -3.03 25.09
N PHE A 109 4.95 -2.77 23.97
CA PHE A 109 4.41 -1.84 22.99
C PHE A 109 3.96 -2.72 21.83
N GLN A 110 2.83 -2.37 21.23
CA GLN A 110 2.29 -3.16 20.13
C GLN A 110 2.24 -2.36 18.83
N GLU A 111 2.42 -3.07 17.72
CA GLU A 111 2.35 -2.47 16.39
C GLU A 111 1.02 -2.87 15.76
N ASP A 112 0.15 -1.88 15.53
CA ASP A 112 -1.16 -2.14 14.94
C ASP A 112 -1.20 -1.78 13.45
N GLY A 113 -0.20 -1.04 12.98
CA GLY A 113 -0.14 -0.66 11.58
C GLY A 113 1.28 -0.84 11.05
N PRO A 114 1.69 -2.07 10.72
CA PRO A 114 3.03 -2.36 10.21
C PRO A 114 3.44 -1.44 9.07
N VAL A 115 4.70 -1.02 9.06
CA VAL A 115 5.17 -0.14 7.99
C VAL A 115 5.21 -0.92 6.68
N ILE A 116 5.03 -0.21 5.58
CA ILE A 116 5.07 -0.81 4.25
C ILE A 116 6.54 -1.11 3.92
N HIS A 117 7.42 -0.15 4.25
CA HIS A 117 8.84 -0.31 3.99
C HIS A 117 9.52 -1.10 5.10
N GLN A 118 9.38 -2.42 5.03
CA GLN A 118 9.97 -3.29 6.03
C GLN A 118 11.50 -3.31 6.01
N GLU A 119 12.09 -2.75 4.96
CA GLU A 119 13.55 -2.69 4.85
C GLU A 119 14.13 -1.53 5.67
N MET A 120 13.27 -0.64 6.15
CA MET A 120 13.72 0.53 6.93
C MET A 120 13.73 0.32 8.44
N ILE A 121 13.19 -0.80 8.89
CA ILE A 121 13.11 -1.09 10.33
C ILE A 121 14.21 -1.99 10.89
N GLY A 122 15.23 -2.26 10.09
CA GLY A 122 16.35 -3.07 10.56
C GLY A 122 16.02 -4.49 10.98
N GLY A 123 16.72 -4.98 12.00
CA GLY A 123 16.49 -6.32 12.52
C GLY A 123 15.06 -6.63 12.95
N PHE A 124 14.29 -5.58 13.24
CA PHE A 124 12.89 -5.71 13.66
C PHE A 124 12.11 -6.44 12.58
N ARG A 125 12.62 -6.41 11.35
CA ARG A 125 11.96 -7.08 10.24
C ARG A 125 11.79 -8.60 10.54
N ASN A 126 12.81 -9.19 11.15
CA ASN A 126 12.74 -10.60 11.53
C ASN A 126 11.78 -10.58 12.71
N THR A 127 10.62 -11.21 12.53
CA THR A 127 9.57 -11.22 13.56
C THR A 127 9.87 -11.97 14.85
N LYS A 128 10.91 -12.79 14.85
CA LYS A 128 11.26 -13.52 16.06
C LYS A 128 11.59 -12.57 17.21
N GLU A 129 10.87 -12.72 18.32
CA GLU A 129 11.06 -11.87 19.50
C GLU A 129 10.79 -10.41 19.18
N ALA A 130 9.82 -10.15 18.30
CA ALA A 130 9.47 -8.80 17.89
C ALA A 130 8.85 -7.96 19.01
N ASP A 131 8.25 -8.62 19.98
CA ASP A 131 7.67 -7.91 21.12
C ASP A 131 8.80 -7.21 21.88
N VAL A 132 9.91 -7.93 22.10
CA VAL A 132 11.05 -7.33 22.80
C VAL A 132 11.80 -6.37 21.88
N SER A 133 11.78 -6.66 20.58
CA SER A 133 12.44 -5.78 19.60
C SER A 133 11.75 -4.43 19.58
N LEU A 134 10.42 -4.44 19.42
CA LEU A 134 9.67 -3.19 19.37
C LEU A 134 9.70 -2.43 20.69
N THR A 135 9.54 -3.14 21.81
CA THR A 135 9.53 -2.49 23.12
C THR A 135 10.83 -1.76 23.44
N ALA A 136 11.96 -2.39 23.10
CA ALA A 136 13.27 -1.80 23.33
C ALA A 136 13.44 -0.58 22.41
N PHE A 137 13.06 -0.74 21.15
CA PHE A 137 13.17 0.33 20.16
C PHE A 137 12.37 1.52 20.62
N VAL A 138 11.13 1.30 21.02
CA VAL A 138 10.26 2.37 21.48
C VAL A 138 10.80 2.98 22.77
N LEU A 139 11.21 2.12 23.69
CA LEU A 139 11.76 2.57 24.96
C LEU A 139 12.95 3.49 24.71
N ILE A 140 13.80 3.09 23.78
CA ILE A 140 15.00 3.87 23.44
C ILE A 140 14.63 5.24 22.87
N ALA A 141 13.64 5.26 21.98
CA ALA A 141 13.19 6.51 21.37
C ALA A 141 12.57 7.40 22.43
N LEU A 142 11.81 6.81 23.35
CA LEU A 142 11.18 7.56 24.43
C LEU A 142 12.25 8.16 25.36
N GLN A 143 13.30 7.38 25.62
CA GLN A 143 14.40 7.81 26.47
C GLN A 143 15.02 9.04 25.83
N GLU A 144 15.32 8.90 24.54
CA GLU A 144 15.92 9.98 23.77
C GLU A 144 15.04 11.23 23.69
N ALA A 145 13.75 11.09 23.91
CA ALA A 145 12.84 12.22 23.85
C ALA A 145 12.60 12.85 25.22
N ARG A 146 13.24 12.31 26.24
CA ARG A 146 13.08 12.80 27.61
C ARG A 146 13.49 14.26 27.79
N ASP A 147 14.66 14.60 27.26
CA ASP A 147 15.20 15.95 27.36
C ASP A 147 14.17 17.02 27.07
N ILE A 148 13.36 16.78 26.05
CA ILE A 148 12.34 17.73 25.64
C ILE A 148 10.92 17.44 26.11
N CYS A 149 10.55 16.18 26.19
CA CYS A 149 9.19 15.80 26.54
C CYS A 149 8.82 15.41 27.97
N GLU A 150 9.80 15.00 28.77
CA GLU A 150 9.49 14.59 30.13
C GLU A 150 8.74 15.67 30.90
N GLY A 151 9.11 16.92 30.67
CA GLY A 151 8.45 18.01 31.37
C GLY A 151 7.03 18.19 30.93
N GLN A 152 6.76 17.87 29.67
CA GLN A 152 5.43 18.01 29.09
C GLN A 152 4.57 16.77 29.27
N VAL A 153 5.22 15.61 29.35
CA VAL A 153 4.53 14.33 29.51
C VAL A 153 5.11 13.64 30.74
N ASN A 154 4.58 14.00 31.90
CA ASN A 154 5.08 13.46 33.17
C ASN A 154 4.80 11.97 33.30
N SER A 155 4.05 11.40 32.36
CA SER A 155 3.75 9.97 32.38
C SER A 155 4.87 9.21 31.67
N LEU A 156 5.77 9.95 31.02
CA LEU A 156 6.88 9.35 30.28
C LEU A 156 7.79 8.42 31.09
N PRO A 157 8.26 8.87 32.26
CA PRO A 157 9.14 8.02 33.07
C PRO A 157 8.52 6.66 33.47
N GLY A 158 7.23 6.69 33.79
CA GLY A 158 6.55 5.46 34.16
C GLY A 158 6.44 4.47 33.02
N SER A 159 6.05 4.96 31.85
CA SER A 159 5.92 4.12 30.67
C SER A 159 7.26 3.47 30.35
N ILE A 160 8.31 4.26 30.47
CA ILE A 160 9.67 3.81 30.20
C ILE A 160 10.07 2.73 31.21
N ASN A 161 9.76 2.97 32.48
CA ASN A 161 10.09 2.03 33.53
C ASN A 161 9.37 0.71 33.37
N LYS A 162 8.13 0.75 32.92
CA LYS A 162 7.35 -0.47 32.73
C LYS A 162 7.90 -1.25 31.55
N ALA A 163 8.31 -0.53 30.51
CA ALA A 163 8.88 -1.15 29.31
C ALA A 163 10.15 -1.91 29.72
N GLY A 164 11.02 -1.24 30.47
CA GLY A 164 12.26 -1.84 30.90
C GLY A 164 12.10 -3.12 31.70
N GLU A 165 11.09 -3.16 32.56
CA GLU A 165 10.82 -4.33 33.38
C GLU A 165 10.40 -5.49 32.47
N TYR A 166 9.57 -5.18 31.47
CA TYR A 166 9.15 -6.21 30.53
C TYR A 166 10.41 -6.80 29.90
N LEU A 167 11.31 -5.92 29.48
CA LEU A 167 12.55 -6.35 28.85
C LEU A 167 13.37 -7.21 29.82
N GLU A 168 13.46 -6.75 31.07
CA GLU A 168 14.21 -7.47 32.10
C GLU A 168 13.63 -8.88 32.27
N ALA A 169 12.30 -8.94 32.34
CA ALA A 169 11.59 -10.20 32.51
C ALA A 169 11.82 -11.18 31.36
N SER A 170 12.18 -10.68 30.19
CA SER A 170 12.38 -11.58 29.06
C SER A 170 13.81 -11.65 28.51
N TYR A 171 14.72 -10.91 29.15
CA TYR A 171 16.10 -10.87 28.68
C TYR A 171 16.87 -12.20 28.62
N LEU A 172 16.97 -12.88 29.74
CA LEU A 172 17.70 -14.14 29.81
C LEU A 172 17.23 -15.21 28.81
N ASN A 173 15.93 -15.26 28.53
CA ASN A 173 15.39 -16.26 27.60
C ASN A 173 15.55 -15.93 26.12
N LEU A 174 16.06 -14.75 25.81
CA LEU A 174 16.22 -14.35 24.40
C LEU A 174 17.21 -15.22 23.66
N GLN A 175 16.90 -15.50 22.40
CA GLN A 175 17.75 -16.34 21.57
C GLN A 175 18.49 -15.53 20.53
N ARG A 176 17.88 -14.43 20.09
CA ARG A 176 18.42 -13.55 19.07
C ARG A 176 19.50 -12.57 19.52
N PRO A 177 20.68 -12.58 18.85
CA PRO A 177 21.76 -11.66 19.20
C PRO A 177 21.31 -10.21 18.98
N TYR A 178 20.48 -10.00 17.96
CA TYR A 178 19.98 -8.65 17.65
C TYR A 178 19.13 -8.13 18.81
N THR A 179 18.22 -8.97 19.28
CA THR A 179 17.33 -8.60 20.36
C THR A 179 18.09 -8.39 21.68
N VAL A 180 19.13 -9.20 21.88
CA VAL A 180 19.94 -9.10 23.08
C VAL A 180 20.70 -7.76 23.06
N ALA A 181 21.09 -7.34 21.86
CA ALA A 181 21.82 -6.08 21.71
C ALA A 181 20.90 -4.87 21.96
N ILE A 182 19.77 -4.80 21.26
CA ILE A 182 18.86 -3.67 21.41
C ILE A 182 18.26 -3.58 22.82
N ALA A 183 17.82 -4.71 23.37
CA ALA A 183 17.27 -4.72 24.72
C ALA A 183 18.40 -4.48 25.73
N GLY A 184 19.62 -4.86 25.37
CA GLY A 184 20.75 -4.66 26.25
C GLY A 184 20.93 -3.17 26.45
N TYR A 185 20.99 -2.43 25.35
CA TYR A 185 21.15 -0.99 25.39
C TYR A 185 20.02 -0.33 26.19
N ALA A 186 18.79 -0.75 25.93
CA ALA A 186 17.61 -0.22 26.63
C ALA A 186 17.70 -0.47 28.14
N LEU A 187 18.21 -1.65 28.51
CA LEU A 187 18.37 -1.99 29.92
C LEU A 187 19.47 -1.11 30.52
N ALA A 188 20.50 -0.83 29.73
CA ALA A 188 21.62 -0.01 30.17
C ALA A 188 21.13 1.42 30.40
N LEU A 189 20.25 1.89 29.54
CA LEU A 189 19.71 3.24 29.68
C LEU A 189 18.88 3.27 30.96
N MET A 190 18.39 2.09 31.32
CA MET A 190 17.58 1.88 32.51
C MET A 190 18.48 1.65 33.72
N ASN A 191 19.78 1.54 33.49
CA ASN A 191 20.77 1.28 34.54
C ASN A 191 20.48 -0.09 35.12
N LYS A 192 19.81 -0.92 34.32
CA LYS A 192 19.44 -2.27 34.72
C LYS A 192 20.32 -3.33 34.08
N LEU A 193 21.24 -2.93 33.20
CA LEU A 193 22.11 -3.90 32.56
C LEU A 193 23.23 -4.38 33.48
N GLU A 194 22.85 -5.17 34.48
CA GLU A 194 23.83 -5.69 35.42
C GLU A 194 23.90 -7.20 35.43
N GLU A 195 24.69 -7.70 36.36
CA GLU A 195 24.99 -9.11 36.57
C GLU A 195 24.40 -10.25 35.76
N PRO A 196 23.12 -10.62 35.99
CA PRO A 196 22.67 -11.74 35.15
C PRO A 196 22.63 -11.32 33.68
N TYR A 197 21.91 -10.24 33.44
CA TYR A 197 21.74 -9.67 32.10
C TYR A 197 23.05 -9.25 31.46
N LEU A 198 24.00 -8.80 32.29
CA LEU A 198 25.31 -8.35 31.80
C LEU A 198 26.11 -9.44 31.09
N THR A 199 26.26 -10.60 31.72
CA THR A 199 27.02 -11.69 31.09
C THR A 199 26.20 -12.27 29.93
N LYS A 200 24.88 -12.20 30.04
CA LYS A 200 24.00 -12.68 28.96
C LYS A 200 24.26 -11.79 27.74
N PHE A 201 24.28 -10.48 27.95
CA PHE A 201 24.53 -9.49 26.91
C PHE A 201 25.91 -9.69 26.27
N LEU A 202 26.95 -9.70 27.09
CA LEU A 202 28.32 -9.88 26.62
C LEU A 202 28.59 -11.23 25.95
N ASN A 203 28.07 -12.30 26.55
CA ASN A 203 28.26 -13.65 26.04
C ASN A 203 27.51 -13.95 24.75
N THR A 204 26.74 -12.97 24.27
CA THR A 204 26.00 -13.17 23.03
C THR A 204 26.82 -12.66 21.85
N ALA A 205 27.90 -11.95 22.14
CA ALA A 205 28.76 -11.40 21.09
C ALA A 205 29.72 -12.44 20.53
N LYS A 206 30.10 -12.26 19.26
CA LYS A 206 31.04 -13.16 18.61
C LYS A 206 32.41 -12.47 18.65
N ASP A 207 33.41 -13.19 19.16
CA ASP A 207 34.77 -12.67 19.28
C ASP A 207 34.79 -11.37 20.07
N ARG A 208 33.77 -11.20 20.90
CA ARG A 208 33.60 -10.01 21.74
C ARG A 208 33.70 -8.71 20.95
N ASN A 209 33.32 -8.74 19.67
CA ASN A 209 33.37 -7.52 18.87
C ASN A 209 32.10 -7.29 18.06
N ARG A 210 31.15 -8.22 18.14
CA ARG A 210 29.91 -8.09 17.39
C ARG A 210 28.75 -8.98 17.85
N TRP A 211 27.55 -8.46 17.71
CA TRP A 211 26.33 -9.18 18.04
C TRP A 211 25.82 -9.55 16.66
N GLU A 212 26.27 -10.71 16.20
CA GLU A 212 25.96 -11.17 14.86
C GLU A 212 24.92 -12.28 14.67
N GLU A 213 24.18 -12.14 13.57
CA GLU A 213 23.18 -13.11 13.15
C GLU A 213 23.67 -13.45 11.74
N PRO A 214 23.73 -14.75 11.40
CA PRO A 214 24.20 -15.16 10.07
C PRO A 214 23.49 -14.55 8.87
N GLY A 215 24.28 -14.10 7.90
CA GLY A 215 23.75 -13.50 6.69
C GLY A 215 22.92 -12.23 6.83
N GLN A 216 23.15 -11.47 7.89
CA GLN A 216 22.41 -10.24 8.14
C GLN A 216 23.36 -9.11 8.44
N GLN A 217 24.18 -8.78 7.46
CA GLN A 217 25.17 -7.71 7.59
C GLN A 217 24.65 -6.44 8.27
N LEU A 218 23.63 -5.82 7.68
CA LEU A 218 23.10 -4.59 8.23
C LEU A 218 22.42 -4.73 9.59
N TYR A 219 21.79 -5.88 9.87
CA TYR A 219 21.16 -6.09 11.17
C TYR A 219 22.28 -6.08 12.21
N ASN A 220 23.42 -6.65 11.82
CA ASN A 220 24.59 -6.78 12.69
C ASN A 220 25.31 -5.45 12.97
N VAL A 221 25.35 -4.56 11.99
CA VAL A 221 25.97 -3.27 12.20
C VAL A 221 25.09 -2.52 13.21
N GLU A 222 23.78 -2.53 12.95
CA GLU A 222 22.82 -1.87 13.83
C GLU A 222 22.89 -2.44 15.26
N ALA A 223 22.78 -3.76 15.38
CA ALA A 223 22.81 -4.41 16.69
C ALA A 223 24.09 -4.08 17.45
N THR A 224 25.22 -4.20 16.76
CA THR A 224 26.51 -3.94 17.37
C THR A 224 26.67 -2.49 17.80
N SER A 225 25.94 -1.59 17.16
CA SER A 225 25.97 -0.18 17.50
C SER A 225 25.25 0.00 18.83
N TYR A 226 24.08 -0.62 18.94
CA TYR A 226 23.29 -0.55 20.16
C TYR A 226 24.15 -1.10 21.29
N ALA A 227 24.83 -2.20 21.01
CA ALA A 227 25.70 -2.84 21.99
C ALA A 227 26.83 -1.91 22.39
N LEU A 228 27.46 -1.27 21.39
CA LEU A 228 28.54 -0.34 21.67
C LEU A 228 28.06 0.79 22.57
N LEU A 229 26.84 1.25 22.32
CA LEU A 229 26.26 2.33 23.11
C LEU A 229 26.02 1.88 24.55
N ALA A 230 25.61 0.63 24.72
CA ALA A 230 25.36 0.06 26.03
C ALA A 230 26.67 0.00 26.82
N LEU A 231 27.71 -0.53 26.18
CA LEU A 231 29.04 -0.66 26.79
C LEU A 231 29.58 0.71 27.19
N LEU A 232 29.31 1.70 26.36
CA LEU A 232 29.76 3.06 26.66
C LEU A 232 29.05 3.52 27.92
N LEU A 233 27.76 3.20 28.03
CA LEU A 233 26.96 3.57 29.18
C LEU A 233 27.46 2.92 30.45
N LEU A 234 27.99 1.71 30.32
CA LEU A 234 28.52 0.98 31.47
C LEU A 234 29.97 1.39 31.74
N LYS A 235 30.55 2.12 30.79
CA LYS A 235 31.94 2.58 30.88
C LYS A 235 32.90 1.40 30.91
N ASP A 236 32.49 0.29 30.29
CA ASP A 236 33.32 -0.91 30.23
C ASP A 236 34.27 -0.73 29.05
N PHE A 237 35.16 0.24 29.17
CA PHE A 237 36.13 0.55 28.12
C PHE A 237 37.07 -0.62 27.82
N ASP A 238 36.83 -1.73 28.49
CA ASP A 238 37.64 -2.93 28.28
C ASP A 238 37.21 -3.63 26.99
N SER A 239 35.90 -3.80 26.83
CA SER A 239 35.36 -4.48 25.66
C SER A 239 34.95 -3.52 24.54
N VAL A 240 35.13 -2.22 24.78
CA VAL A 240 34.77 -1.22 23.78
C VAL A 240 35.66 -1.22 22.54
N PRO A 241 37.00 -1.18 22.72
CA PRO A 241 37.90 -1.17 21.57
C PRO A 241 37.58 -2.19 20.46
N PRO A 242 37.55 -3.49 20.79
CA PRO A 242 37.23 -4.51 19.78
C PRO A 242 35.95 -4.23 19.00
N VAL A 243 34.91 -3.84 19.72
CA VAL A 243 33.62 -3.54 19.08
C VAL A 243 33.76 -2.34 18.13
N VAL A 244 34.37 -1.25 18.60
CA VAL A 244 34.54 -0.07 17.76
C VAL A 244 35.31 -0.41 16.49
N ARG A 245 36.36 -1.22 16.62
CA ARG A 245 37.17 -1.62 15.48
C ARG A 245 36.34 -2.34 14.43
N TRP A 246 35.58 -3.35 14.83
CA TRP A 246 34.74 -4.10 13.91
C TRP A 246 33.70 -3.18 13.26
N LEU A 247 32.91 -2.51 14.08
CA LEU A 247 31.89 -1.59 13.59
C LEU A 247 32.52 -0.70 12.53
N ASN A 248 33.74 -0.26 12.82
CA ASN A 248 34.52 0.61 11.94
C ASN A 248 34.85 -0.01 10.59
N ASP A 249 34.96 -1.34 10.55
CA ASP A 249 35.30 -2.04 9.32
C ASP A 249 34.08 -2.46 8.49
N GLU A 250 32.89 -2.34 9.06
CA GLU A 250 31.70 -2.75 8.34
C GLU A 250 31.37 -1.91 7.11
N ARG A 251 31.26 -2.61 5.97
CA ARG A 251 30.99 -2.01 4.68
C ARG A 251 29.59 -1.51 4.54
N TYR A 252 29.10 -0.86 5.58
CA TYR A 252 27.76 -0.33 5.56
C TYR A 252 27.41 0.42 4.26
N TYR A 253 26.12 0.43 3.92
CA TYR A 253 25.65 1.06 2.68
C TYR A 253 24.67 2.23 2.82
N GLY A 254 25.20 3.37 3.27
CA GLY A 254 24.45 4.60 3.47
C GLY A 254 23.03 4.81 2.96
N GLY A 255 22.89 5.27 1.72
CA GLY A 255 21.55 5.52 1.21
C GLY A 255 21.01 4.36 0.42
N GLY A 256 21.51 3.17 0.71
CA GLY A 256 21.07 1.99 0.00
C GLY A 256 19.87 1.31 0.64
N TYR A 257 19.13 0.58 -0.20
CA TYR A 257 17.94 -0.15 0.24
C TYR A 257 18.19 -0.99 1.49
N GLY A 258 17.36 -0.78 2.50
CA GLY A 258 17.47 -1.53 3.75
C GLY A 258 18.49 -1.06 4.75
N SER A 259 19.10 0.11 4.52
CA SER A 259 20.13 0.63 5.41
C SER A 259 19.72 1.77 6.33
N THR A 260 18.43 1.99 6.57
CA THR A 260 18.09 3.10 7.44
C THR A 260 18.57 2.95 8.90
N GLN A 261 18.25 1.83 9.53
CA GLN A 261 18.60 1.59 10.93
C GLN A 261 20.09 1.50 11.21
N ALA A 262 20.84 0.88 10.31
CA ALA A 262 22.26 0.75 10.52
C ALA A 262 23.01 2.08 10.31
N THR A 263 22.47 2.95 9.46
CA THR A 263 23.11 4.25 9.20
C THR A 263 22.98 5.13 10.43
N PHE A 264 21.74 5.27 10.90
CA PHE A 264 21.48 6.07 12.07
C PHE A 264 22.28 5.56 13.27
N MET A 265 22.14 4.27 13.55
CA MET A 265 22.83 3.65 14.68
C MET A 265 24.35 3.64 14.65
N VAL A 266 24.95 3.37 13.48
CA VAL A 266 26.41 3.33 13.42
C VAL A 266 27.03 4.69 13.72
N PHE A 267 26.48 5.75 13.14
CA PHE A 267 27.02 7.09 13.37
C PHE A 267 26.68 7.62 14.76
N GLN A 268 25.53 7.25 15.31
CA GLN A 268 25.17 7.69 16.65
C GLN A 268 26.14 7.03 17.63
N ALA A 269 26.45 5.75 17.38
CA ALA A 269 27.35 4.98 18.22
C ALA A 269 28.81 5.42 18.11
N LEU A 270 29.25 5.65 16.88
CA LEU A 270 30.63 6.08 16.64
C LEU A 270 30.80 7.50 17.18
N ALA A 271 29.76 8.32 17.08
CA ALA A 271 29.84 9.67 17.58
C ALA A 271 29.98 9.61 19.10
N GLN A 272 29.15 8.76 19.70
CA GLN A 272 29.16 8.60 21.16
C GLN A 272 30.51 8.10 21.66
N TYR A 273 31.13 7.17 20.93
CA TYR A 273 32.42 6.64 21.30
C TYR A 273 33.45 7.77 21.43
N ARG A 274 33.44 8.70 20.48
CA ARG A 274 34.37 9.82 20.49
C ARG A 274 34.09 10.76 21.63
N ALA A 275 32.83 11.18 21.77
CA ALA A 275 32.43 12.10 22.83
C ALA A 275 32.62 11.46 24.21
N ASP A 276 32.89 10.15 24.23
CA ASP A 276 33.08 9.44 25.54
C ASP A 276 34.72 9.01 26.05
N CYS B 1 10.83 14.80 -9.42
CA CYS B 1 12.16 15.07 -8.82
C CYS B 1 13.23 15.33 -9.90
N GLY B 2 13.37 14.37 -10.82
CA GLY B 2 14.31 14.49 -11.91
C GLY B 2 15.77 14.34 -11.53
N GLU B 3 16.21 15.19 -10.60
CA GLU B 3 17.57 15.17 -10.10
C GLU B 3 17.57 14.30 -8.86
N GLN B 4 16.64 14.56 -7.96
CA GLN B 4 16.52 13.79 -6.71
C GLN B 4 16.32 12.30 -6.92
N ASN B 5 15.64 11.92 -7.98
CA ASN B 5 15.43 10.50 -8.24
C ASN B 5 16.77 9.83 -8.44
N MET B 6 17.65 10.50 -9.17
CA MET B 6 18.99 9.96 -9.43
C MET B 6 19.81 9.94 -8.14
N ILE B 7 19.58 10.92 -7.28
CA ILE B 7 20.27 10.97 -5.99
C ILE B 7 19.81 9.80 -5.14
N GLY B 8 18.49 9.59 -5.09
CA GLY B 8 17.94 8.51 -4.29
C GLY B 8 18.26 7.07 -4.69
N MET B 9 18.44 6.82 -5.98
CA MET B 9 18.71 5.46 -6.44
C MET B 9 20.18 5.09 -6.54
N THR B 10 21.04 6.10 -6.57
CA THR B 10 22.49 5.89 -6.67
C THR B 10 23.10 4.90 -5.68
N PRO B 11 22.89 5.11 -4.35
CA PRO B 11 23.47 4.19 -3.38
C PRO B 11 23.14 2.71 -3.59
N THR B 12 21.89 2.41 -3.93
CA THR B 12 21.46 1.01 -4.15
C THR B 12 22.07 0.45 -5.43
N VAL B 13 22.05 1.25 -6.51
CA VAL B 13 22.59 0.78 -7.78
C VAL B 13 24.06 0.34 -7.66
N ILE B 14 24.90 1.20 -7.09
CA ILE B 14 26.32 0.89 -6.96
C ILE B 14 26.63 -0.12 -5.86
N ALA B 15 25.70 -0.28 -4.92
CA ALA B 15 25.88 -1.24 -3.83
C ALA B 15 25.69 -2.65 -4.38
N VAL B 16 24.68 -2.80 -5.24
CA VAL B 16 24.40 -4.10 -5.86
C VAL B 16 25.58 -4.45 -6.79
N HIS B 17 26.05 -3.44 -7.53
CA HIS B 17 27.17 -3.60 -8.43
C HIS B 17 28.40 -4.08 -7.66
N TYR B 18 28.66 -3.43 -6.53
CA TYR B 18 29.82 -3.77 -5.70
C TYR B 18 29.73 -5.19 -5.12
N LEU B 19 28.58 -5.52 -4.53
CA LEU B 19 28.37 -6.83 -3.92
C LEU B 19 28.40 -7.90 -5.01
N ASP B 20 27.96 -7.53 -6.20
CA ASP B 20 27.94 -8.45 -7.34
C ASP B 20 29.36 -8.79 -7.76
N GLN B 21 30.10 -7.73 -8.12
CA GLN B 21 31.47 -7.84 -8.59
C GLN B 21 32.44 -8.45 -7.61
N THR B 22 32.23 -8.20 -6.32
CA THR B 22 33.12 -8.73 -5.29
C THR B 22 32.59 -10.05 -4.72
N GLU B 23 31.42 -10.47 -5.19
CA GLU B 23 30.79 -11.71 -4.76
C GLU B 23 30.71 -11.81 -3.24
N GLN B 24 30.05 -10.84 -2.62
CA GLN B 24 29.94 -10.80 -1.18
C GLN B 24 28.48 -10.83 -0.70
N TRP B 25 27.62 -11.44 -1.49
CA TRP B 25 26.21 -11.52 -1.14
C TRP B 25 25.94 -12.51 -0.02
N GLU B 26 26.85 -13.46 0.16
CA GLU B 26 26.71 -14.46 1.22
C GLU B 26 26.61 -13.79 2.58
N LYS B 27 27.56 -12.90 2.86
CA LYS B 27 27.62 -12.18 4.12
C LYS B 27 26.50 -11.18 4.23
N PHE B 28 26.18 -10.54 3.11
CA PHE B 28 25.13 -9.54 3.05
C PHE B 28 23.72 -10.13 3.19
N GLY B 29 23.43 -11.17 2.44
CA GLY B 29 22.11 -11.77 2.49
C GLY B 29 21.61 -11.90 1.07
N LEU B 30 21.77 -13.11 0.54
CA LEU B 30 21.36 -13.42 -0.82
C LEU B 30 19.92 -13.07 -1.15
N GLU B 31 19.02 -13.24 -0.19
CA GLU B 31 17.61 -12.93 -0.40
C GLU B 31 17.32 -11.44 -0.43
N LYS B 32 18.35 -10.62 -0.21
CA LYS B 32 18.17 -9.17 -0.22
C LYS B 32 18.36 -8.54 -1.59
N ARG B 33 19.08 -9.23 -2.48
CA ARG B 33 19.35 -8.72 -3.82
C ARG B 33 18.12 -8.47 -4.70
N GLN B 34 17.07 -9.27 -4.56
CA GLN B 34 15.89 -9.08 -5.39
C GLN B 34 15.14 -7.81 -5.04
N GLU B 35 15.01 -7.53 -3.74
CA GLU B 35 14.30 -6.33 -3.31
C GLU B 35 15.08 -5.09 -3.74
N ALA B 36 16.40 -5.18 -3.69
CA ALA B 36 17.26 -4.07 -4.10
C ALA B 36 17.03 -3.83 -5.59
N LEU B 37 17.03 -4.91 -6.36
CA LEU B 37 16.79 -4.80 -7.80
C LEU B 37 15.43 -4.14 -8.10
N GLU B 38 14.43 -4.43 -7.27
CA GLU B 38 13.11 -3.84 -7.47
C GLU B 38 13.18 -2.32 -7.22
N LEU B 39 14.04 -1.91 -6.30
CA LEU B 39 14.19 -0.49 -5.98
C LEU B 39 14.79 0.18 -7.21
N ILE B 40 15.82 -0.46 -7.76
CA ILE B 40 16.50 0.05 -8.95
C ILE B 40 15.52 0.11 -10.14
N LYS B 41 14.64 -0.89 -10.24
CA LYS B 41 13.66 -0.92 -11.31
C LYS B 41 12.70 0.25 -11.17
N LYS B 42 12.33 0.55 -9.93
CA LYS B 42 11.41 1.66 -9.64
C LYS B 42 12.09 2.98 -10.00
N GLY B 43 13.38 3.11 -9.65
CA GLY B 43 14.11 4.32 -9.94
C GLY B 43 14.27 4.58 -11.43
N TYR B 44 14.59 3.55 -12.18
CA TYR B 44 14.77 3.68 -13.62
C TYR B 44 13.48 4.09 -14.32
N THR B 45 12.37 3.47 -13.92
CA THR B 45 11.07 3.77 -14.50
C THR B 45 10.64 5.18 -14.13
N GLN B 46 10.94 5.58 -12.90
CA GLN B 46 10.61 6.91 -12.39
C GLN B 46 11.38 7.98 -13.16
N GLN B 47 12.62 7.65 -13.52
CA GLN B 47 13.47 8.60 -14.24
C GLN B 47 12.96 8.86 -15.65
N LEU B 48 12.28 7.86 -16.22
CA LEU B 48 11.73 7.96 -17.56
C LEU B 48 10.65 9.04 -17.62
N ALA B 49 10.02 9.33 -16.48
CA ALA B 49 9.00 10.35 -16.44
C ALA B 49 9.63 11.72 -16.69
N PHE B 50 10.97 11.78 -16.58
CA PHE B 50 11.69 13.03 -16.76
C PHE B 50 12.52 13.09 -18.03
N LYS B 51 12.36 12.07 -18.88
CA LYS B 51 13.08 12.06 -20.15
C LYS B 51 12.28 12.97 -21.08
N GLN B 52 12.91 14.05 -21.52
CA GLN B 52 12.25 15.01 -22.41
C GLN B 52 12.26 14.48 -23.84
N PRO B 53 11.37 15.01 -24.70
CA PRO B 53 11.29 14.58 -26.11
C PRO B 53 12.63 14.46 -26.79
N ILE B 54 13.61 15.21 -26.28
CA ILE B 54 14.94 15.23 -26.85
C ILE B 54 15.81 14.08 -26.35
N SER B 55 15.28 13.32 -25.38
CA SER B 55 15.97 12.18 -24.76
C SER B 55 16.89 12.65 -23.65
N ALA B 56 16.83 13.96 -23.35
CA ALA B 56 17.64 14.56 -22.30
C ALA B 56 16.85 14.72 -21.00
N TYR B 57 17.55 15.02 -19.91
CA TYR B 57 16.93 15.14 -18.60
C TYR B 57 17.12 16.48 -17.92
N ALA B 58 16.18 16.79 -17.02
CA ALA B 58 16.18 18.00 -16.21
C ALA B 58 15.38 17.67 -14.95
N ALA B 59 15.49 18.49 -13.93
CA ALA B 59 14.77 18.25 -12.68
C ALA B 59 13.27 18.14 -12.92
N PHE B 60 12.78 18.93 -13.87
CA PHE B 60 11.37 18.95 -14.20
C PHE B 60 11.24 18.94 -15.71
N ASN B 61 10.11 18.44 -16.20
CA ASN B 61 9.85 18.36 -17.63
C ASN B 61 9.74 19.74 -18.28
N ASN B 62 9.59 20.76 -17.45
CA ASN B 62 9.45 22.14 -17.90
C ASN B 62 10.80 22.85 -17.91
N ARG B 63 11.78 22.24 -17.25
CA ARG B 63 13.11 22.82 -17.14
C ARG B 63 14.03 22.43 -18.28
N PRO B 64 14.74 23.43 -18.86
CA PRO B 64 15.65 23.13 -19.96
C PRO B 64 16.61 22.06 -19.46
N PRO B 65 17.01 21.12 -20.34
CA PRO B 65 17.91 20.01 -20.04
C PRO B 65 19.32 20.30 -19.53
N SER B 66 19.76 19.49 -18.59
CA SER B 66 21.09 19.59 -18.00
C SER B 66 22.02 18.61 -18.69
N THR B 67 23.15 19.11 -19.16
CA THR B 67 24.15 18.26 -19.82
C THR B 67 24.75 17.29 -18.80
N TRP B 68 25.04 17.80 -17.61
CA TRP B 68 25.63 16.97 -16.57
C TRP B 68 24.66 15.88 -16.13
N LEU B 69 23.42 16.25 -15.85
CA LEU B 69 22.43 15.28 -15.41
C LEU B 69 22.19 14.19 -16.44
N THR B 70 22.08 14.59 -17.70
CA THR B 70 21.84 13.63 -18.77
C THR B 70 23.02 12.67 -18.86
N ALA B 71 24.22 13.21 -18.66
CA ALA B 71 25.41 12.39 -18.71
C ALA B 71 25.47 11.46 -17.51
N TYR B 72 24.97 11.93 -16.36
CA TYR B 72 24.99 11.10 -15.16
C TYR B 72 23.98 9.95 -15.30
N VAL B 73 22.85 10.22 -15.97
CA VAL B 73 21.83 9.19 -16.18
C VAL B 73 22.44 8.12 -17.09
N SER B 74 23.20 8.57 -18.07
CA SER B 74 23.83 7.65 -19.00
C SER B 74 24.87 6.82 -18.27
N ARG B 75 25.54 7.44 -17.30
CA ARG B 75 26.57 6.80 -16.49
C ARG B 75 25.99 5.72 -15.56
N VAL B 76 24.88 6.07 -14.91
CA VAL B 76 24.20 5.16 -14.02
C VAL B 76 23.52 4.05 -14.80
N PHE B 77 22.72 4.43 -15.80
CA PHE B 77 21.99 3.46 -16.61
C PHE B 77 22.92 2.49 -17.35
N SER B 78 24.11 2.94 -17.71
CA SER B 78 25.03 2.05 -18.41
C SER B 78 25.47 0.95 -17.46
N LEU B 79 25.70 1.33 -16.22
CA LEU B 79 26.09 0.38 -15.20
C LEU B 79 24.90 -0.48 -14.79
N ALA B 80 23.74 0.15 -14.62
CA ALA B 80 22.51 -0.55 -14.21
C ALA B 80 22.01 -1.54 -15.25
N ALA B 81 22.48 -1.38 -16.49
CA ALA B 81 22.08 -2.26 -17.59
C ALA B 81 22.50 -3.70 -17.31
N ASN B 82 23.50 -3.86 -16.46
CA ASN B 82 24.01 -5.17 -16.09
C ASN B 82 23.22 -5.74 -14.92
N LEU B 83 22.33 -4.93 -14.36
CA LEU B 83 21.54 -5.34 -13.20
C LEU B 83 20.05 -5.48 -13.53
N ILE B 84 19.52 -4.51 -14.27
CA ILE B 84 18.11 -4.56 -14.63
C ILE B 84 18.00 -4.34 -16.13
N ALA B 85 16.82 -4.59 -16.68
CA ALA B 85 16.60 -4.39 -18.11
C ALA B 85 16.48 -2.89 -18.37
N ILE B 86 17.38 -2.37 -19.21
CA ILE B 86 17.38 -0.96 -19.59
C ILE B 86 17.13 -0.88 -21.08
N ASP B 87 16.27 0.05 -21.48
CA ASP B 87 15.95 0.21 -22.88
C ASP B 87 17.08 0.97 -23.59
N SER B 88 17.66 0.32 -24.58
CA SER B 88 18.75 0.89 -25.38
C SER B 88 18.37 2.25 -25.97
N GLN B 89 17.10 2.37 -26.38
CA GLN B 89 16.60 3.60 -26.97
C GLN B 89 16.76 4.75 -26.02
N VAL B 90 16.46 4.49 -24.74
CA VAL B 90 16.57 5.52 -23.71
C VAL B 90 18.04 5.92 -23.46
N LEU B 91 18.87 4.93 -23.20
CA LEU B 91 20.30 5.17 -22.94
C LEU B 91 21.01 5.84 -24.13
N CYS B 92 20.87 5.25 -25.31
CA CYS B 92 21.52 5.74 -26.51
C CYS B 92 20.92 7.05 -26.99
N GLY B 93 19.68 7.30 -26.63
CA GLY B 93 19.05 8.55 -27.03
C GLY B 93 19.76 9.68 -26.32
N ALA B 94 20.00 9.49 -25.03
CA ALA B 94 20.69 10.49 -24.21
C ALA B 94 22.12 10.68 -24.72
N VAL B 95 22.80 9.59 -25.06
CA VAL B 95 24.16 9.61 -25.56
C VAL B 95 24.21 10.45 -26.83
N LYS B 96 23.27 10.18 -27.72
CA LYS B 96 23.18 10.88 -28.99
C LYS B 96 23.02 12.37 -28.76
N TRP B 97 22.10 12.72 -27.87
CA TRP B 97 21.84 14.12 -27.57
C TRP B 97 23.11 14.85 -27.12
N LEU B 98 23.87 14.23 -26.22
CA LEU B 98 25.10 14.83 -25.73
C LEU B 98 26.08 15.11 -26.85
N ILE B 99 26.31 14.11 -27.69
CA ILE B 99 27.24 14.18 -28.80
C ILE B 99 26.88 15.18 -29.90
N LEU B 100 25.63 15.11 -30.35
CA LEU B 100 25.14 15.96 -31.42
C LEU B 100 24.65 17.31 -30.95
N GLU B 101 24.39 17.44 -29.66
CA GLU B 101 23.89 18.70 -29.15
C GLU B 101 24.77 19.50 -28.20
N LYS B 102 25.54 18.83 -27.35
CA LYS B 102 26.34 19.53 -26.36
C LYS B 102 27.85 19.57 -26.50
N GLN B 103 28.41 19.00 -27.55
CA GLN B 103 29.86 19.04 -27.75
C GLN B 103 30.25 20.11 -28.75
N LYS B 104 31.25 20.91 -28.39
CA LYS B 104 31.72 21.96 -29.29
C LYS B 104 32.78 21.39 -30.22
N PRO B 105 33.04 22.06 -31.37
CA PRO B 105 34.02 21.55 -32.32
C PRO B 105 35.41 21.25 -31.75
N ASP B 106 35.76 21.86 -30.62
CA ASP B 106 37.07 21.62 -30.01
C ASP B 106 37.04 20.42 -29.07
N GLY B 107 35.89 19.74 -29.00
CA GLY B 107 35.76 18.58 -28.15
C GLY B 107 35.15 18.85 -26.78
N VAL B 108 35.00 20.12 -26.42
CA VAL B 108 34.44 20.50 -25.13
C VAL B 108 32.93 20.25 -25.05
N PHE B 109 32.46 19.91 -23.85
CA PHE B 109 31.03 19.72 -23.64
C PHE B 109 30.61 20.94 -22.83
N GLN B 110 29.42 21.45 -23.12
CA GLN B 110 28.92 22.62 -22.44
C GLN B 110 27.65 22.34 -21.67
N GLU B 111 27.48 23.01 -20.54
CA GLU B 111 26.30 22.88 -19.71
C GLU B 111 25.41 24.12 -19.94
N ASP B 112 24.22 23.92 -20.51
CA ASP B 112 23.32 25.03 -20.78
C ASP B 112 22.21 25.11 -19.76
N GLY B 113 22.05 24.05 -18.98
CA GLY B 113 21.00 24.04 -17.97
C GLY B 113 21.53 23.46 -16.67
N PRO B 114 22.27 24.24 -15.88
CA PRO B 114 22.84 23.78 -14.61
C PRO B 114 21.82 23.08 -13.70
N VAL B 115 22.25 22.01 -13.05
CA VAL B 115 21.35 21.29 -12.15
C VAL B 115 21.04 22.15 -10.94
N ILE B 116 19.85 21.96 -10.38
CA ILE B 116 19.42 22.70 -9.21
C ILE B 116 20.18 22.14 -8.01
N HIS B 117 20.28 20.82 -7.93
CA HIS B 117 20.99 20.14 -6.84
C HIS B 117 22.48 20.12 -7.11
N GLN B 118 23.14 21.23 -6.82
CA GLN B 118 24.58 21.37 -7.03
C GLN B 118 25.40 20.47 -6.11
N GLU B 119 24.76 19.93 -5.08
CA GLU B 119 25.44 19.05 -4.13
C GLU B 119 25.59 17.63 -4.67
N MET B 120 24.89 17.32 -5.76
CA MET B 120 24.95 15.97 -6.34
C MET B 120 25.99 15.80 -7.44
N ILE B 121 26.63 16.89 -7.85
CA ILE B 121 27.62 16.85 -8.92
C ILE B 121 29.08 16.76 -8.49
N GLY B 122 29.30 16.53 -7.20
CA GLY B 122 30.67 16.40 -6.69
C GLY B 122 31.54 17.61 -6.90
N GLY B 123 32.83 17.36 -7.15
CA GLY B 123 33.80 18.43 -7.35
C GLY B 123 33.49 19.41 -8.46
N PHE B 124 32.65 18.98 -9.40
CA PHE B 124 32.23 19.84 -10.52
C PHE B 124 31.54 21.09 -10.00
N ARG B 125 31.09 21.06 -8.74
CA ARG B 125 30.43 22.22 -8.16
C ARG B 125 31.40 23.40 -8.12
N ASN B 126 32.68 23.11 -7.85
CA ASN B 126 33.69 24.15 -7.84
C ASN B 126 33.88 24.45 -9.33
N THR B 127 33.49 25.65 -9.76
CA THR B 127 33.55 26.06 -11.15
C THR B 127 34.94 26.18 -11.78
N LYS B 128 35.99 26.17 -10.96
CA LYS B 128 37.34 26.30 -11.48
C LYS B 128 37.67 25.12 -12.38
N GLU B 129 38.04 25.42 -13.63
CA GLU B 129 38.37 24.41 -14.62
C GLU B 129 37.18 23.48 -14.89
N ALA B 130 35.98 24.05 -14.87
CA ALA B 130 34.75 23.29 -15.09
C ALA B 130 34.61 22.73 -16.50
N ASP B 131 35.26 23.38 -17.46
CA ASP B 131 35.20 22.90 -18.83
C ASP B 131 35.87 21.54 -18.89
N VAL B 132 37.00 21.39 -18.20
CA VAL B 132 37.70 20.11 -18.18
C VAL B 132 36.97 19.12 -17.26
N SER B 133 36.37 19.64 -16.20
CA SER B 133 35.60 18.80 -15.28
C SER B 133 34.44 18.16 -16.03
N LEU B 134 33.64 18.99 -16.69
CA LEU B 134 32.49 18.49 -17.42
C LEU B 134 32.86 17.59 -18.59
N THR B 135 33.87 17.99 -19.36
CA THR B 135 34.27 17.18 -20.51
C THR B 135 34.77 15.78 -20.13
N ALA B 136 35.53 15.69 -19.04
CA ALA B 136 36.03 14.41 -18.56
C ALA B 136 34.87 13.56 -18.04
N PHE B 137 33.98 14.19 -17.27
CA PHE B 137 32.80 13.52 -16.71
C PHE B 137 31.93 12.94 -17.84
N VAL B 138 31.65 13.77 -18.83
CA VAL B 138 30.83 13.32 -19.95
C VAL B 138 31.56 12.25 -20.75
N LEU B 139 32.85 12.47 -21.01
CA LEU B 139 33.65 11.52 -21.76
C LEU B 139 33.60 10.14 -21.09
N ILE B 140 33.73 10.14 -19.77
CA ILE B 140 33.71 8.91 -18.99
C ILE B 140 32.35 8.20 -19.10
N ALA B 141 31.29 8.97 -19.01
CA ALA B 141 29.92 8.45 -19.12
C ALA B 141 29.70 7.88 -20.51
N LEU B 142 30.20 8.56 -21.53
CA LEU B 142 30.08 8.10 -22.90
C LEU B 142 30.88 6.81 -23.11
N GLN B 143 32.05 6.73 -22.49
CA GLN B 143 32.90 5.54 -22.58
C GLN B 143 32.14 4.35 -21.99
N GLU B 144 31.58 4.57 -20.81
CA GLU B 144 30.83 3.55 -20.11
C GLU B 144 29.57 3.12 -20.87
N ALA B 145 29.10 3.97 -21.78
CA ALA B 145 27.92 3.67 -22.57
C ALA B 145 28.25 2.97 -23.89
N ARG B 146 29.53 2.83 -24.18
CA ARG B 146 29.98 2.22 -25.41
C ARG B 146 29.46 0.80 -25.66
N ASP B 147 29.57 -0.05 -24.64
CA ASP B 147 29.13 -1.45 -24.70
C ASP B 147 27.78 -1.60 -25.38
N ILE B 148 26.85 -0.73 -25.01
CA ILE B 148 25.51 -0.79 -25.55
C ILE B 148 25.22 0.19 -26.69
N CYS B 149 25.79 1.40 -26.65
CA CYS B 149 25.49 2.40 -27.67
C CYS B 149 26.38 2.60 -28.87
N GLU B 150 27.64 2.17 -28.79
CA GLU B 150 28.54 2.36 -29.92
C GLU B 150 27.98 1.78 -31.22
N GLY B 151 27.32 0.64 -31.12
CA GLY B 151 26.75 0.02 -32.31
C GLY B 151 25.62 0.85 -32.88
N GLN B 152 24.86 1.50 -32.01
CA GLN B 152 23.72 2.31 -32.44
C GLN B 152 24.10 3.76 -32.77
N VAL B 153 25.17 4.25 -32.16
CA VAL B 153 25.64 5.62 -32.38
C VAL B 153 27.11 5.55 -32.81
N ASN B 154 27.31 5.31 -34.09
CA ASN B 154 28.65 5.17 -34.64
C ASN B 154 29.47 6.45 -34.54
N SER B 155 28.82 7.54 -34.15
CA SER B 155 29.53 8.81 -34.00
C SER B 155 30.13 8.90 -32.60
N LEU B 156 29.77 7.97 -31.75
CA LEU B 156 30.27 7.95 -30.37
C LEU B 156 31.79 7.95 -30.22
N PRO B 157 32.51 7.03 -30.91
CA PRO B 157 33.98 7.01 -30.79
C PRO B 157 34.67 8.34 -31.14
N GLY B 158 34.16 9.00 -32.18
CA GLY B 158 34.74 10.26 -32.61
C GLY B 158 34.56 11.36 -31.57
N SER B 159 33.35 11.46 -31.02
CA SER B 159 33.04 12.46 -30.00
C SER B 159 33.95 12.24 -28.80
N ILE B 160 34.12 10.98 -28.44
CA ILE B 160 34.97 10.60 -27.31
C ILE B 160 36.42 10.98 -27.57
N ASN B 161 36.90 10.66 -28.77
CA ASN B 161 38.26 10.96 -29.16
C ASN B 161 38.54 12.48 -29.17
N LYS B 162 37.56 13.28 -29.59
CA LYS B 162 37.77 14.73 -29.63
C LYS B 162 37.79 15.27 -28.22
N ALA B 163 36.94 14.73 -27.36
CA ALA B 163 36.89 15.15 -25.97
C ALA B 163 38.26 14.89 -25.31
N GLY B 164 38.79 13.69 -25.50
CA GLY B 164 40.08 13.33 -24.92
C GLY B 164 41.22 14.24 -25.34
N GLU B 165 41.21 14.68 -26.60
CA GLU B 165 42.26 15.57 -27.11
C GLU B 165 42.16 16.91 -26.41
N TYR B 166 40.92 17.37 -26.20
CA TYR B 166 40.73 18.63 -25.50
C TYR B 166 41.37 18.50 -24.11
N LEU B 167 41.10 17.39 -23.45
CA LEU B 167 41.66 17.13 -22.12
C LEU B 167 43.17 17.09 -22.17
N GLU B 168 43.72 16.42 -23.18
CA GLU B 168 45.17 16.28 -23.35
C GLU B 168 45.77 17.68 -23.50
N ALA B 169 45.14 18.49 -24.33
CA ALA B 169 45.59 19.85 -24.59
C ALA B 169 45.59 20.75 -23.36
N SER B 170 44.77 20.41 -22.36
CA SER B 170 44.72 21.25 -21.15
C SER B 170 45.20 20.57 -19.88
N TYR B 171 45.64 19.33 -19.98
CA TYR B 171 46.09 18.58 -18.80
C TYR B 171 47.22 19.17 -17.97
N LEU B 172 48.36 19.39 -18.61
CA LEU B 172 49.53 19.92 -17.92
C LEU B 172 49.31 21.25 -17.18
N ASN B 173 48.47 22.12 -17.73
CA ASN B 173 48.19 23.41 -17.12
C ASN B 173 47.17 23.39 -15.99
N LEU B 174 46.59 22.24 -15.70
CA LEU B 174 45.59 22.14 -14.65
C LEU B 174 46.17 22.42 -13.26
N GLN B 175 45.40 23.10 -12.43
CA GLN B 175 45.85 23.43 -11.09
C GLN B 175 45.13 22.59 -10.04
N ARG B 176 43.89 22.20 -10.34
CA ARG B 176 43.07 21.44 -9.41
C ARG B 176 43.36 19.96 -9.35
N PRO B 177 43.58 19.42 -8.14
CA PRO B 177 43.83 17.98 -7.98
C PRO B 177 42.60 17.17 -8.43
N TYR B 178 41.41 17.71 -8.21
CA TYR B 178 40.19 17.02 -8.59
C TYR B 178 40.11 16.88 -10.10
N THR B 179 40.41 17.96 -10.80
CA THR B 179 40.35 17.95 -12.25
C THR B 179 41.44 17.05 -12.84
N VAL B 180 42.61 17.03 -12.18
CA VAL B 180 43.72 16.20 -12.64
C VAL B 180 43.36 14.73 -12.48
N ALA B 181 42.58 14.42 -11.45
CA ALA B 181 42.15 13.06 -11.19
C ALA B 181 41.11 12.61 -12.20
N ILE B 182 40.03 13.38 -12.36
CA ILE B 182 38.97 12.97 -13.29
C ILE B 182 39.45 12.93 -14.75
N ALA B 183 40.20 13.95 -15.17
CA ALA B 183 40.72 13.98 -16.54
C ALA B 183 41.80 12.92 -16.68
N GLY B 184 42.45 12.58 -15.57
CA GLY B 184 43.49 11.56 -15.61
C GLY B 184 42.85 10.24 -16.00
N TYR B 185 41.76 9.90 -15.33
CA TYR B 185 41.04 8.65 -15.59
C TYR B 185 40.54 8.63 -17.04
N ALA B 186 39.97 9.75 -17.48
CA ALA B 186 39.46 9.87 -18.85
C ALA B 186 40.57 9.67 -19.87
N LEU B 187 41.76 10.18 -19.57
CA LEU B 187 42.89 10.04 -20.48
C LEU B 187 43.34 8.58 -20.49
N ALA B 188 43.26 7.94 -19.33
CA ALA B 188 43.65 6.55 -19.19
C ALA B 188 42.68 5.67 -20.00
N LEU B 189 41.39 6.02 -19.97
CA LEU B 189 40.40 5.26 -20.72
C LEU B 189 40.72 5.43 -22.20
N MET B 190 41.37 6.55 -22.50
CA MET B 190 41.77 6.92 -23.86
C MET B 190 43.12 6.31 -24.19
N ASN B 191 43.74 5.67 -23.19
CA ASN B 191 45.06 5.07 -23.34
C ASN B 191 46.07 6.18 -23.62
N LYS B 192 45.71 7.40 -23.21
CA LYS B 192 46.54 8.57 -23.41
C LYS B 192 47.25 9.02 -22.14
N LEU B 193 46.98 8.34 -21.03
CA LEU B 193 47.63 8.72 -19.76
C LEU B 193 49.07 8.24 -19.70
N GLU B 194 49.93 8.86 -20.50
CA GLU B 194 51.33 8.49 -20.50
C GLU B 194 52.25 9.63 -20.12
N GLU B 195 53.54 9.34 -20.23
CA GLU B 195 54.64 10.23 -19.88
C GLU B 195 54.50 11.64 -19.35
N PRO B 196 54.17 12.63 -20.20
CA PRO B 196 54.08 13.94 -19.55
C PRO B 196 52.93 13.95 -18.56
N TYR B 197 51.75 13.61 -19.07
CA TYR B 197 50.52 13.57 -18.29
C TYR B 197 50.60 12.62 -17.11
N LEU B 198 51.33 11.52 -17.27
CA LEU B 198 51.48 10.52 -16.21
C LEU B 198 52.11 11.06 -14.93
N THR B 199 53.26 11.73 -15.05
CA THR B 199 53.91 12.27 -13.87
C THR B 199 53.10 13.45 -13.33
N LYS B 200 52.40 14.15 -14.22
CA LYS B 200 51.56 15.27 -13.81
C LYS B 200 50.44 14.71 -12.93
N PHE B 201 49.83 13.63 -13.40
CA PHE B 201 48.74 12.95 -12.69
C PHE B 201 49.21 12.42 -11.33
N LEU B 202 50.29 11.64 -11.33
CA LEU B 202 50.84 11.07 -10.10
C LEU B 202 51.37 12.10 -9.11
N ASN B 203 52.06 13.11 -9.63
CA ASN B 203 52.65 14.16 -8.80
C ASN B 203 51.64 15.12 -8.19
N THR B 204 50.36 14.94 -8.53
CA THR B 204 49.34 15.81 -7.98
C THR B 204 48.77 15.18 -6.70
N ALA B 205 49.13 13.93 -6.44
CA ALA B 205 48.63 13.23 -5.26
C ALA B 205 49.40 13.59 -4.00
N LYS B 206 48.73 13.53 -2.86
CA LYS B 206 49.35 13.83 -1.57
C LYS B 206 49.71 12.48 -0.93
N ASP B 207 50.98 12.34 -0.56
CA ASP B 207 51.47 11.10 0.05
C ASP B 207 51.20 9.90 -0.85
N ARG B 208 51.08 10.17 -2.15
CA ARG B 208 50.82 9.15 -3.14
C ARG B 208 49.62 8.27 -2.81
N ASN B 209 48.66 8.80 -2.06
CA ASN B 209 47.48 8.02 -1.69
C ASN B 209 46.16 8.78 -1.91
N ARG B 210 46.26 10.04 -2.31
CA ARG B 210 45.06 10.82 -2.52
C ARG B 210 45.24 12.08 -3.35
N TRP B 211 44.19 12.42 -4.10
CA TRP B 211 44.18 13.64 -4.91
C TRP B 211 43.27 14.53 -4.09
N GLU B 212 43.91 15.28 -3.19
CA GLU B 212 43.18 16.11 -2.25
C GLU B 212 43.14 17.62 -2.46
N GLU B 213 42.00 18.18 -2.11
CA GLU B 213 41.75 19.61 -2.17
C GLU B 213 41.36 19.89 -0.73
N PRO B 214 41.93 20.95 -0.13
CA PRO B 214 41.62 21.30 1.26
C PRO B 214 40.16 21.52 1.59
N GLY B 215 39.72 20.91 2.70
CA GLY B 215 38.36 21.08 3.16
C GLY B 215 37.26 20.53 2.25
N GLN B 216 37.61 19.57 1.40
CA GLN B 216 36.64 18.99 0.49
C GLN B 216 36.65 17.47 0.58
N GLN B 217 36.29 16.95 1.75
CA GLN B 217 36.29 15.52 2.00
C GLN B 217 35.70 14.69 0.86
N LEU B 218 34.44 14.94 0.54
CA LEU B 218 33.75 14.18 -0.50
C LEU B 218 34.30 14.38 -1.90
N TYR B 219 34.79 15.58 -2.22
CA TYR B 219 35.36 15.82 -3.55
C TYR B 219 36.59 14.92 -3.67
N ASN B 220 37.32 14.78 -2.56
CA ASN B 220 38.54 14.00 -2.48
C ASN B 220 38.34 12.49 -2.58
N VAL B 221 37.25 11.98 -2.01
CA VAL B 221 36.95 10.55 -2.10
C VAL B 221 36.67 10.26 -3.57
N GLU B 222 35.81 11.10 -4.17
CA GLU B 222 35.45 10.97 -5.57
C GLU B 222 36.66 11.04 -6.50
N ALA B 223 37.46 12.09 -6.36
CA ALA B 223 38.64 12.27 -7.20
C ALA B 223 39.62 11.10 -7.06
N THR B 224 39.86 10.68 -5.82
CA THR B 224 40.78 9.59 -5.56
C THR B 224 40.28 8.26 -6.12
N SER B 225 38.97 8.14 -6.29
CA SER B 225 38.36 6.94 -6.85
C SER B 225 38.66 6.94 -8.35
N TYR B 226 38.45 8.07 -9.01
CA TYR B 226 38.75 8.21 -10.44
C TYR B 226 40.23 7.89 -10.64
N ALA B 227 41.07 8.43 -9.76
CA ALA B 227 42.52 8.20 -9.80
C ALA B 227 42.84 6.70 -9.64
N LEU B 228 42.16 6.05 -8.68
CA LEU B 228 42.37 4.64 -8.45
C LEU B 228 42.01 3.83 -9.69
N LEU B 229 40.94 4.25 -10.35
CA LEU B 229 40.50 3.55 -11.56
C LEU B 229 41.53 3.73 -12.68
N ALA B 230 42.10 4.92 -12.77
CA ALA B 230 43.11 5.22 -13.79
C ALA B 230 44.32 4.31 -13.59
N LEU B 231 44.80 4.26 -12.34
CA LEU B 231 45.95 3.45 -11.97
C LEU B 231 45.68 1.97 -12.29
N LEU B 232 44.46 1.54 -12.04
CA LEU B 232 44.10 0.15 -12.33
C LEU B 232 44.21 -0.07 -13.83
N LEU B 233 43.76 0.91 -14.62
CA LEU B 233 43.82 0.85 -16.07
C LEU B 233 45.27 0.79 -16.58
N LEU B 234 46.17 1.43 -15.86
CA LEU B 234 47.58 1.43 -16.25
C LEU B 234 48.27 0.19 -15.68
N LYS B 235 47.58 -0.50 -14.78
CA LYS B 235 48.11 -1.71 -14.12
C LYS B 235 49.34 -1.34 -13.28
N ASP B 236 49.39 -0.11 -12.78
CA ASP B 236 50.49 0.36 -11.95
C ASP B 236 50.17 -0.08 -10.52
N PHE B 237 50.17 -1.39 -10.30
CA PHE B 237 49.87 -1.96 -9.00
C PHE B 237 50.87 -1.55 -7.94
N ASP B 238 51.80 -0.68 -8.32
CA ASP B 238 52.82 -0.18 -7.40
C ASP B 238 52.22 0.91 -6.51
N SER B 239 51.51 1.85 -7.13
CA SER B 239 50.89 2.96 -6.41
C SER B 239 49.44 2.68 -6.02
N VAL B 240 48.94 1.52 -6.40
CA VAL B 240 47.55 1.17 -6.10
C VAL B 240 47.27 0.93 -4.61
N PRO B 241 48.09 0.08 -3.96
CA PRO B 241 47.86 -0.20 -2.54
C PRO B 241 47.61 1.02 -1.65
N PRO B 242 48.53 1.99 -1.62
CA PRO B 242 48.35 3.19 -0.79
C PRO B 242 47.02 3.91 -1.04
N VAL B 243 46.66 4.05 -2.31
CA VAL B 243 45.41 4.69 -2.68
C VAL B 243 44.20 3.92 -2.15
N VAL B 244 44.19 2.61 -2.39
CA VAL B 244 43.09 1.76 -1.93
C VAL B 244 42.93 1.86 -0.41
N ARG B 245 44.04 1.85 0.31
CA ARG B 245 44.03 1.95 1.76
C ARG B 245 43.34 3.24 2.24
N TRP B 246 43.79 4.38 1.70
CA TRP B 246 43.20 5.66 2.08
C TRP B 246 41.71 5.69 1.74
N LEU B 247 41.40 5.43 0.48
CA LEU B 247 40.01 5.43 0.01
C LEU B 247 39.17 4.61 0.96
N ASN B 248 39.75 3.50 1.40
CA ASN B 248 39.13 2.57 2.32
C ASN B 248 38.86 3.16 3.70
N ASP B 249 39.66 4.13 4.12
CA ASP B 249 39.50 4.74 5.43
C ASP B 249 38.58 5.95 5.43
N GLU B 250 38.22 6.44 4.25
CA GLU B 250 37.38 7.63 4.17
C GLU B 250 35.97 7.45 4.71
N ARG B 251 35.63 8.31 5.67
CA ARG B 251 34.35 8.30 6.36
C ARG B 251 33.22 8.77 5.50
N TYR B 252 33.21 8.32 4.27
CA TYR B 252 32.16 8.69 3.35
C TYR B 252 30.73 8.61 3.95
N TYR B 253 29.83 9.44 3.42
CA TYR B 253 28.47 9.51 3.94
C TYR B 253 27.33 9.14 2.96
N GLY B 254 27.23 7.84 2.67
CA GLY B 254 26.23 7.28 1.78
C GLY B 254 25.03 8.05 1.25
N GLY B 255 23.95 8.07 2.00
CA GLY B 255 22.77 8.77 1.51
C GLY B 255 22.67 10.16 2.07
N GLY B 256 23.81 10.74 2.42
CA GLY B 256 23.83 12.08 2.99
C GLY B 256 23.95 13.17 1.95
N TYR B 257 23.48 14.35 2.31
CA TYR B 257 23.52 15.52 1.43
C TYR B 257 24.91 15.76 0.83
N GLY B 258 24.95 15.86 -0.49
CA GLY B 258 26.23 16.10 -1.18
C GLY B 258 27.12 14.90 -1.42
N SER B 259 26.62 13.68 -1.18
CA SER B 259 27.41 12.47 -1.36
C SER B 259 27.07 11.63 -2.59
N THR B 260 26.39 12.16 -3.60
CA THR B 260 26.09 11.29 -4.74
C THR B 260 27.32 10.79 -5.51
N GLN B 261 28.17 11.71 -5.96
CA GLN B 261 29.36 11.37 -6.73
C GLN B 261 30.39 10.51 -6.02
N ALA B 262 30.61 10.76 -4.73
CA ALA B 262 31.58 9.98 -3.99
C ALA B 262 31.08 8.57 -3.70
N THR B 263 29.76 8.40 -3.60
CA THR B 263 29.18 7.08 -3.33
C THR B 263 29.36 6.20 -4.54
N PHE B 264 28.93 6.70 -5.69
CA PHE B 264 29.03 5.97 -6.92
C PHE B 264 30.48 5.62 -7.23
N MET B 265 31.33 6.64 -7.20
CA MET B 265 32.74 6.46 -7.53
C MET B 265 33.54 5.60 -6.58
N VAL B 266 33.31 5.72 -5.27
CA VAL B 266 34.09 4.91 -4.33
C VAL B 266 33.81 3.41 -4.51
N PHE B 267 32.55 3.04 -4.64
CA PHE B 267 32.18 1.63 -4.82
C PHE B 267 32.55 1.09 -6.20
N GLN B 268 32.49 1.95 -7.22
CA GLN B 268 32.85 1.53 -8.57
C GLN B 268 34.36 1.23 -8.56
N ALA B 269 35.11 2.09 -7.89
CA ALA B 269 36.56 1.97 -7.81
C ALA B 269 37.02 0.80 -6.93
N LEU B 270 36.39 0.65 -5.78
CA LEU B 270 36.75 -0.44 -4.89
C LEU B 270 36.33 -1.78 -5.53
N ALA B 271 35.22 -1.78 -6.26
CA ALA B 271 34.76 -2.99 -6.92
C ALA B 271 35.77 -3.36 -7.99
N GLN B 272 36.21 -2.36 -8.75
CA GLN B 272 37.20 -2.57 -9.81
C GLN B 272 38.52 -3.09 -9.25
N TYR B 273 38.94 -2.54 -8.12
CA TYR B 273 40.19 -2.97 -7.50
C TYR B 273 40.15 -4.50 -7.23
N ARG B 274 39.01 -4.99 -6.76
CA ARG B 274 38.86 -6.41 -6.47
C ARG B 274 38.86 -7.25 -7.73
N ALA B 275 38.03 -6.87 -8.68
CA ALA B 275 37.93 -7.59 -9.95
C ALA B 275 39.26 -7.48 -10.75
N ASP B 276 40.15 -6.58 -10.28
CA ASP B 276 41.39 -6.51 -10.90
C ASP B 276 42.75 -7.23 -10.52
N CYS C 1 -25.68 -9.72 17.28
CA CYS C 1 -25.63 -10.46 15.98
C CYS C 1 -24.47 -11.45 15.93
N GLY C 2 -23.26 -10.96 16.17
CA GLY C 2 -22.08 -11.82 16.19
C GLY C 2 -21.61 -12.33 14.84
N GLU C 3 -22.51 -12.99 14.12
CA GLU C 3 -22.25 -13.52 12.81
C GLU C 3 -22.76 -12.50 11.81
N GLN C 4 -23.98 -12.03 12.03
CA GLN C 4 -24.61 -11.04 11.14
C GLN C 4 -23.82 -9.74 11.02
N ASN C 5 -23.12 -9.36 12.08
CA ASN C 5 -22.33 -8.13 12.04
C ASN C 5 -21.25 -8.27 10.99
N MET C 6 -20.62 -9.45 10.95
CA MET C 6 -19.57 -9.71 10.00
C MET C 6 -20.15 -9.78 8.59
N ILE C 7 -21.37 -10.29 8.48
CA ILE C 7 -22.02 -10.37 7.19
C ILE C 7 -22.31 -8.94 6.70
N GLY C 8 -22.83 -8.10 7.58
CA GLY C 8 -23.16 -6.73 7.21
C GLY C 8 -22.01 -5.79 6.87
N MET C 9 -20.85 -5.98 7.49
CA MET C 9 -19.71 -5.10 7.23
C MET C 9 -18.79 -5.56 6.09
N THR C 10 -18.90 -6.82 5.71
CA THR C 10 -18.05 -7.38 4.66
C THR C 10 -18.00 -6.62 3.34
N PRO C 11 -19.18 -6.36 2.74
CA PRO C 11 -19.20 -5.65 1.45
C PRO C 11 -18.45 -4.32 1.44
N THR C 12 -18.65 -3.50 2.47
CA THR C 12 -17.97 -2.21 2.57
C THR C 12 -16.45 -2.35 2.81
N VAL C 13 -16.07 -3.28 3.68
CA VAL C 13 -14.66 -3.49 3.98
C VAL C 13 -13.85 -3.80 2.72
N ILE C 14 -14.32 -4.77 1.94
CA ILE C 14 -13.59 -5.17 0.74
C ILE C 14 -13.79 -4.24 -0.45
N ALA C 15 -14.84 -3.41 -0.39
CA ALA C 15 -15.08 -2.46 -1.47
C ALA C 15 -14.08 -1.31 -1.32
N VAL C 16 -13.82 -0.89 -0.10
CA VAL C 16 -12.87 0.18 0.14
C VAL C 16 -11.46 -0.33 -0.21
N HIS C 17 -11.18 -1.58 0.16
CA HIS C 17 -9.90 -2.23 -0.13
C HIS C 17 -9.69 -2.26 -1.64
N TYR C 18 -10.72 -2.66 -2.38
CA TYR C 18 -10.64 -2.75 -3.84
C TYR C 18 -10.45 -1.38 -4.52
N LEU C 19 -11.24 -0.37 -4.11
CA LEU C 19 -11.15 0.97 -4.67
C LEU C 19 -9.80 1.60 -4.29
N ASP C 20 -9.28 1.23 -3.12
CA ASP C 20 -8.00 1.70 -2.63
C ASP C 20 -6.89 1.15 -3.51
N GLN C 21 -6.81 -0.18 -3.56
CA GLN C 21 -5.78 -0.88 -4.32
C GLN C 21 -5.78 -0.62 -5.82
N THR C 22 -6.95 -0.40 -6.39
CA THR C 22 -7.03 -0.14 -7.82
C THR C 22 -7.05 1.36 -8.13
N GLU C 23 -7.01 2.17 -7.07
CA GLU C 23 -7.02 3.63 -7.21
C GLU C 23 -8.14 4.11 -8.11
N GLN C 24 -9.37 3.79 -7.75
CA GLN C 24 -10.52 4.17 -8.55
C GLN C 24 -11.51 5.04 -7.78
N TRP C 25 -11.01 5.79 -6.81
CA TRP C 25 -11.87 6.63 -6.00
C TRP C 25 -12.36 7.87 -6.75
N GLU C 26 -11.62 8.25 -7.79
CA GLU C 26 -11.98 9.43 -8.60
C GLU C 26 -13.36 9.25 -9.21
N LYS C 27 -13.57 8.11 -9.85
CA LYS C 27 -14.84 7.80 -10.50
C LYS C 27 -15.92 7.55 -9.47
N PHE C 28 -15.53 6.89 -8.38
CA PHE C 28 -16.46 6.55 -7.30
C PHE C 28 -16.94 7.76 -6.53
N GLY C 29 -16.01 8.60 -6.10
CA GLY C 29 -16.35 9.77 -5.32
C GLY C 29 -15.45 9.78 -4.11
N LEU C 30 -14.39 10.59 -4.17
CA LEU C 30 -13.42 10.71 -3.10
C LEU C 30 -14.00 11.04 -1.74
N GLU C 31 -15.05 11.87 -1.73
CA GLU C 31 -15.69 12.25 -0.48
C GLU C 31 -16.51 11.13 0.15
N LYS C 32 -16.64 10.00 -0.54
CA LYS C 32 -17.41 8.87 -0.04
C LYS C 32 -16.59 7.94 0.85
N ARG C 33 -15.28 7.93 0.68
CA ARG C 33 -14.41 7.05 1.45
C ARG C 33 -14.44 7.22 2.96
N GLN C 34 -14.65 8.45 3.44
CA GLN C 34 -14.66 8.67 4.89
C GLN C 34 -15.89 8.06 5.56
N GLU C 35 -17.05 8.21 4.93
CA GLU C 35 -18.28 7.67 5.49
C GLU C 35 -18.21 6.14 5.49
N ALA C 36 -17.60 5.58 4.45
CA ALA C 36 -17.45 4.14 4.35
C ALA C 36 -16.59 3.68 5.51
N LEU C 37 -15.48 4.37 5.75
CA LEU C 37 -14.58 4.04 6.84
C LEU C 37 -15.29 4.09 8.19
N GLU C 38 -16.21 5.03 8.33
CA GLU C 38 -16.95 5.17 9.58
C GLU C 38 -17.85 3.93 9.78
N LEU C 39 -18.35 3.38 8.68
CA LEU C 39 -19.20 2.21 8.74
C LEU C 39 -18.33 1.05 9.22
N ILE C 40 -17.13 0.94 8.65
CA ILE C 40 -16.21 -0.13 9.02
C ILE C 40 -15.80 0.01 10.49
N LYS C 41 -15.63 1.26 10.95
CA LYS C 41 -15.27 1.53 12.33
C LYS C 41 -16.39 1.07 13.25
N LYS C 42 -17.63 1.29 12.83
CA LYS C 42 -18.80 0.88 13.59
C LYS C 42 -18.86 -0.64 13.66
N GLY C 43 -18.61 -1.29 12.53
CA GLY C 43 -18.65 -2.74 12.48
C GLY C 43 -17.60 -3.39 13.36
N TYR C 44 -16.38 -2.86 13.32
CA TYR C 44 -15.29 -3.41 14.12
C TYR C 44 -15.59 -3.28 15.62
N THR C 45 -16.07 -2.12 16.02
CA THR C 45 -16.38 -1.86 17.42
C THR C 45 -17.54 -2.74 17.89
N GLN C 46 -18.50 -2.94 16.99
CA GLN C 46 -19.69 -3.76 17.26
C GLN C 46 -19.30 -5.22 17.44
N GLN C 47 -18.29 -5.66 16.68
CA GLN C 47 -17.83 -7.03 16.73
C GLN C 47 -17.14 -7.34 18.06
N LEU C 48 -16.54 -6.32 18.67
CA LEU C 48 -15.83 -6.47 19.94
C LEU C 48 -16.80 -6.84 21.06
N ALA C 49 -18.06 -6.50 20.88
CA ALA C 49 -19.08 -6.83 21.88
C ALA C 49 -19.27 -8.36 21.90
N PHE C 50 -18.80 -9.04 20.86
CA PHE C 50 -18.95 -10.48 20.77
C PHE C 50 -17.64 -11.25 20.96
N LYS C 51 -16.59 -10.53 21.32
CA LYS C 51 -15.30 -11.16 21.59
C LYS C 51 -15.42 -11.75 22.99
N GLN C 52 -15.34 -13.07 23.09
CA GLN C 52 -15.45 -13.75 24.37
C GLN C 52 -14.12 -13.68 25.11
N PRO C 53 -14.14 -13.89 26.44
CA PRO C 53 -12.94 -13.84 27.27
C PRO C 53 -11.75 -14.59 26.67
N ILE C 54 -12.05 -15.55 25.82
CA ILE C 54 -11.03 -16.36 25.19
C ILE C 54 -10.42 -15.71 23.94
N SER C 55 -11.01 -14.59 23.53
CA SER C 55 -10.60 -13.84 22.34
C SER C 55 -11.25 -14.42 21.08
N ALA C 56 -12.16 -15.40 21.28
CA ALA C 56 -12.86 -16.06 20.19
C ALA C 56 -14.25 -15.49 20.00
N TYR C 57 -14.89 -15.80 18.87
CA TYR C 57 -16.21 -15.28 18.57
C TYR C 57 -17.29 -16.32 18.34
N ALA C 58 -18.53 -15.89 18.56
CA ALA C 58 -19.72 -16.69 18.38
C ALA C 58 -20.85 -15.70 18.10
N ALA C 59 -21.98 -16.18 17.57
CA ALA C 59 -23.11 -15.32 17.26
C ALA C 59 -23.57 -14.55 18.50
N PHE C 60 -23.49 -15.22 19.66
CA PHE C 60 -23.90 -14.63 20.93
C PHE C 60 -22.82 -14.93 21.97
N ASN C 61 -22.72 -14.08 22.98
CA ASN C 61 -21.72 -14.22 24.03
C ASN C 61 -21.97 -15.47 24.88
N ASN C 62 -23.15 -16.05 24.72
CA ASN C 62 -23.57 -17.23 25.46
C ASN C 62 -23.30 -18.49 24.66
N ARG C 63 -23.05 -18.33 23.37
CA ARG C 63 -22.80 -19.44 22.46
C ARG C 63 -21.33 -19.85 22.38
N PRO C 64 -21.06 -21.15 22.48
CA PRO C 64 -19.68 -21.61 22.41
C PRO C 64 -19.10 -21.08 21.11
N PRO C 65 -17.80 -20.71 21.12
CA PRO C 65 -17.07 -20.15 19.98
C PRO C 65 -16.94 -20.98 18.70
N SER C 66 -17.05 -20.29 17.58
CA SER C 66 -16.94 -20.91 16.26
C SER C 66 -15.53 -20.71 15.75
N THR C 67 -14.90 -21.80 15.33
CA THR C 67 -13.55 -21.76 14.80
C THR C 67 -13.57 -20.97 13.48
N TRP C 68 -14.54 -21.28 12.63
CA TRP C 68 -14.66 -20.62 11.35
C TRP C 68 -14.90 -19.11 11.50
N LEU C 69 -15.85 -18.74 12.35
CA LEU C 69 -16.17 -17.34 12.56
C LEU C 69 -14.98 -16.57 13.10
N THR C 70 -14.28 -17.16 14.06
CA THR C 70 -13.11 -16.51 14.65
C THR C 70 -12.02 -16.33 13.59
N ALA C 71 -11.89 -17.31 12.70
CA ALA C 71 -10.89 -17.22 11.65
C ALA C 71 -11.32 -16.18 10.61
N TYR C 72 -12.62 -16.04 10.38
CA TYR C 72 -13.10 -15.06 9.40
C TYR C 72 -12.93 -13.63 9.96
N VAL C 73 -13.08 -13.46 11.27
CA VAL C 73 -12.89 -12.16 11.89
C VAL C 73 -11.42 -11.79 11.75
N SER C 74 -10.54 -12.77 11.90
CA SER C 74 -9.10 -12.55 11.77
C SER C 74 -8.77 -12.19 10.33
N ARG C 75 -9.49 -12.81 9.39
CA ARG C 75 -9.30 -12.59 7.97
C ARG C 75 -9.74 -11.18 7.56
N VAL C 76 -10.88 -10.75 8.08
CA VAL C 76 -11.43 -9.44 7.78
C VAL C 76 -10.62 -8.37 8.48
N PHE C 77 -10.41 -8.54 9.78
CA PHE C 77 -9.67 -7.57 10.58
C PHE C 77 -8.25 -7.37 10.11
N SER C 78 -7.63 -8.42 9.59
CA SER C 78 -6.25 -8.32 9.11
C SER C 78 -6.22 -7.39 7.91
N LEU C 79 -7.25 -7.51 7.07
CA LEU C 79 -7.35 -6.68 5.89
C LEU C 79 -7.79 -5.25 6.26
N ALA C 80 -8.74 -5.15 7.19
CA ALA C 80 -9.25 -3.87 7.65
C ALA C 80 -8.22 -3.08 8.45
N ALA C 81 -7.16 -3.74 8.89
CA ALA C 81 -6.10 -3.08 9.66
C ALA C 81 -5.40 -2.01 8.83
N ASN C 82 -5.50 -2.16 7.51
CA ASN C 82 -4.90 -1.22 6.57
C ASN C 82 -5.86 -0.07 6.26
N LEU C 83 -7.08 -0.17 6.77
CA LEU C 83 -8.10 0.85 6.53
C LEU C 83 -8.46 1.61 7.80
N ILE C 84 -8.61 0.89 8.90
CA ILE C 84 -8.95 1.52 10.17
C ILE C 84 -8.02 1.01 11.25
N ALA C 85 -8.01 1.68 12.40
CA ALA C 85 -7.18 1.28 13.50
C ALA C 85 -7.76 0.03 14.14
N ILE C 86 -6.99 -1.05 14.12
CA ILE C 86 -7.41 -2.31 14.71
C ILE C 86 -6.45 -2.63 15.85
N ASP C 87 -7.00 -3.07 16.98
CA ASP C 87 -6.18 -3.41 18.13
C ASP C 87 -5.51 -4.77 17.92
N SER C 88 -4.17 -4.76 17.97
CA SER C 88 -3.34 -5.96 17.81
C SER C 88 -3.74 -7.05 18.79
N GLN C 89 -4.08 -6.63 20.00
CA GLN C 89 -4.47 -7.54 21.06
C GLN C 89 -5.70 -8.35 20.65
N VAL C 90 -6.64 -7.68 19.99
CA VAL C 90 -7.86 -8.34 19.53
C VAL C 90 -7.56 -9.32 18.40
N LEU C 91 -6.88 -8.84 17.37
CA LEU C 91 -6.54 -9.67 16.21
C LEU C 91 -5.67 -10.87 16.58
N CYS C 92 -4.56 -10.62 17.26
CA CYS C 92 -3.64 -11.69 17.64
C CYS C 92 -4.19 -12.58 18.74
N GLY C 93 -5.13 -12.08 19.51
CA GLY C 93 -5.73 -12.89 20.55
C GLY C 93 -6.50 -14.03 19.88
N ALA C 94 -7.26 -13.68 18.83
CA ALA C 94 -8.05 -14.64 18.06
C ALA C 94 -7.12 -15.65 17.36
N VAL C 95 -6.04 -15.13 16.79
CA VAL C 95 -5.05 -15.96 16.10
C VAL C 95 -4.49 -16.99 17.09
N LYS C 96 -4.13 -16.51 18.27
CA LYS C 96 -3.57 -17.37 19.30
C LYS C 96 -4.54 -18.47 19.66
N TRP C 97 -5.79 -18.10 19.87
CA TRP C 97 -6.82 -19.06 20.24
C TRP C 97 -6.92 -20.19 19.23
N LEU C 98 -6.95 -19.84 17.95
CA LEU C 98 -7.04 -20.82 16.87
C LEU C 98 -5.90 -21.82 16.93
N ILE C 99 -4.69 -21.29 17.01
CA ILE C 99 -3.47 -22.09 17.04
C ILE C 99 -3.32 -23.00 18.25
N LEU C 100 -3.51 -22.42 19.42
CA LEU C 100 -3.35 -23.16 20.68
C LEU C 100 -4.59 -23.95 21.09
N GLU C 101 -5.73 -23.61 20.52
CA GLU C 101 -6.97 -24.30 20.90
C GLU C 101 -7.63 -25.18 19.86
N LYS C 102 -7.60 -24.77 18.59
CA LYS C 102 -8.30 -25.52 17.58
C LYS C 102 -7.52 -26.34 16.56
N GLN C 103 -6.20 -26.38 16.67
CA GLN C 103 -5.44 -27.16 15.71
C GLN C 103 -5.04 -28.51 16.31
N LYS C 104 -5.23 -29.58 15.55
CA LYS C 104 -4.86 -30.91 16.04
C LYS C 104 -3.41 -31.17 15.69
N PRO C 105 -2.79 -32.15 16.38
CA PRO C 105 -1.38 -32.48 16.11
C PRO C 105 -1.02 -32.75 14.65
N ASP C 106 -2.00 -33.16 13.84
CA ASP C 106 -1.75 -33.44 12.44
C ASP C 106 -1.88 -32.20 11.57
N GLY C 107 -2.14 -31.05 12.20
CA GLY C 107 -2.25 -29.81 11.47
C GLY C 107 -3.67 -29.40 11.13
N VAL C 108 -4.62 -30.30 11.35
CA VAL C 108 -6.03 -30.01 11.07
C VAL C 108 -6.66 -29.05 12.06
N PHE C 109 -7.58 -28.23 11.57
CA PHE C 109 -8.30 -27.30 12.44
C PHE C 109 -9.69 -27.89 12.57
N GLN C 110 -10.26 -27.83 13.77
CA GLN C 110 -11.57 -28.39 14.00
C GLN C 110 -12.59 -27.33 14.40
N GLU C 111 -13.83 -27.53 13.99
CA GLU C 111 -14.90 -26.61 14.32
C GLU C 111 -15.75 -27.27 15.42
N ASP C 112 -15.75 -26.67 16.61
CA ASP C 112 -16.50 -27.19 17.74
C ASP C 112 -17.81 -26.45 17.97
N GLY C 113 -17.95 -25.29 17.33
CA GLY C 113 -19.18 -24.52 17.46
C GLY C 113 -19.63 -23.99 16.10
N PRO C 114 -20.28 -24.82 15.27
CA PRO C 114 -20.76 -24.41 13.94
C PRO C 114 -21.54 -23.11 13.94
N VAL C 115 -21.30 -22.27 12.93
CA VAL C 115 -22.02 -21.00 12.86
C VAL C 115 -23.47 -21.27 12.56
N ILE C 116 -24.33 -20.38 13.04
CA ILE C 116 -25.75 -20.50 12.81
C ILE C 116 -26.05 -20.11 11.37
N HIS C 117 -25.39 -19.04 10.90
CA HIS C 117 -25.56 -18.56 9.54
C HIS C 117 -24.68 -19.35 8.59
N GLN C 118 -25.15 -20.53 8.21
CA GLN C 118 -24.40 -21.40 7.32
C GLN C 118 -24.27 -20.84 5.91
N GLU C 119 -25.07 -19.82 5.59
CA GLU C 119 -25.04 -19.18 4.28
C GLU C 119 -23.87 -18.21 4.14
N MET C 120 -23.20 -17.89 5.26
CA MET C 120 -22.09 -16.94 5.25
C MET C 120 -20.71 -17.58 5.12
N ILE C 121 -20.66 -18.91 5.17
CA ILE C 121 -19.40 -19.63 5.09
C ILE C 121 -19.01 -20.16 3.72
N GLY C 122 -19.78 -19.79 2.69
CA GLY C 122 -19.46 -20.19 1.33
C GLY C 122 -19.48 -21.70 1.10
N GLY C 123 -18.59 -22.17 0.23
CA GLY C 123 -18.53 -23.59 -0.07
C GLY C 123 -18.32 -24.52 1.11
N PHE C 124 -17.80 -23.98 2.21
CA PHE C 124 -17.57 -24.76 3.43
C PHE C 124 -18.90 -25.34 3.93
N ARG C 125 -20.01 -24.77 3.47
CA ARG C 125 -21.32 -25.27 3.88
C ARG C 125 -21.49 -26.73 3.46
N ASN C 126 -20.98 -27.07 2.27
CA ASN C 126 -21.02 -28.45 1.80
C ASN C 126 -19.96 -29.16 2.65
N THR C 127 -20.41 -30.06 3.51
CA THR C 127 -19.54 -30.79 4.43
C THR C 127 -18.51 -31.72 3.83
N LYS C 128 -18.66 -32.04 2.55
CA LYS C 128 -17.69 -32.93 1.92
C LYS C 128 -16.30 -32.31 1.95
N GLU C 129 -15.35 -33.06 2.51
CA GLU C 129 -13.96 -32.63 2.64
C GLU C 129 -13.83 -31.35 3.45
N ALA C 130 -14.68 -31.20 4.46
CA ALA C 130 -14.70 -30.01 5.30
C ALA C 130 -13.46 -29.83 6.14
N ASP C 131 -12.77 -30.93 6.40
CA ASP C 131 -11.54 -30.86 7.19
C ASP C 131 -10.52 -30.07 6.39
N VAL C 132 -10.43 -30.35 5.09
CA VAL C 132 -9.49 -29.63 4.23
C VAL C 132 -10.03 -28.21 3.93
N SER C 133 -11.36 -28.07 3.88
CA SER C 133 -11.97 -26.77 3.64
C SER C 133 -11.63 -25.82 4.78
N LEU C 134 -11.92 -26.26 6.01
CA LEU C 134 -11.65 -25.43 7.18
C LEU C 134 -10.17 -25.18 7.40
N THR C 135 -9.34 -26.20 7.23
CA THR C 135 -7.90 -26.05 7.45
C THR C 135 -7.28 -25.03 6.50
N ALA C 136 -7.69 -25.05 5.24
CA ALA C 136 -7.19 -24.11 4.24
C ALA C 136 -7.69 -22.71 4.57
N PHE C 137 -8.97 -22.60 4.90
CA PHE C 137 -9.59 -21.32 5.24
C PHE C 137 -8.89 -20.68 6.43
N VAL C 138 -8.67 -21.49 7.47
CA VAL C 138 -8.00 -21.00 8.67
C VAL C 138 -6.53 -20.66 8.36
N LEU C 139 -5.87 -21.54 7.62
CA LEU C 139 -4.47 -21.33 7.26
C LEU C 139 -4.33 -19.99 6.52
N ILE C 140 -5.25 -19.73 5.59
CA ILE C 140 -5.25 -18.52 4.80
C ILE C 140 -5.45 -17.27 5.68
N ALA C 141 -6.36 -17.37 6.63
CA ALA C 141 -6.63 -16.27 7.56
C ALA C 141 -5.40 -16.02 8.43
N LEU C 142 -4.76 -17.09 8.86
CA LEU C 142 -3.57 -16.98 9.70
C LEU C 142 -2.42 -16.35 8.91
N GLN C 143 -2.32 -16.72 7.63
CA GLN C 143 -1.29 -16.19 6.75
C GLN C 143 -1.49 -14.69 6.67
N GLU C 144 -2.72 -14.29 6.39
CA GLU C 144 -3.08 -12.90 6.26
C GLU C 144 -2.88 -12.09 7.55
N ALA C 145 -2.83 -12.79 8.68
CA ALA C 145 -2.64 -12.13 9.97
C ALA C 145 -1.16 -12.05 10.36
N ARG C 146 -0.29 -12.62 9.55
CA ARG C 146 1.14 -12.64 9.84
C ARG C 146 1.76 -11.25 10.00
N ASP C 147 1.43 -10.36 9.06
CA ASP C 147 1.97 -9.01 9.06
C ASP C 147 1.94 -8.36 10.44
N ILE C 148 0.82 -8.55 11.14
CA ILE C 148 0.63 -7.96 12.45
C ILE C 148 0.89 -8.89 13.63
N CYS C 149 0.52 -10.16 13.50
CA CYS C 149 0.66 -11.10 14.59
C CYS C 149 1.86 -12.01 14.72
N GLU C 150 2.58 -12.27 13.63
CA GLU C 150 3.74 -13.16 13.74
C GLU C 150 4.74 -12.71 14.80
N GLY C 151 4.93 -11.41 14.92
CA GLY C 151 5.86 -10.89 15.92
C GLY C 151 5.37 -11.13 17.33
N GLN C 152 4.05 -11.12 17.52
CA GLN C 152 3.45 -11.33 18.82
C GLN C 152 3.17 -12.80 19.14
N VAL C 153 2.98 -13.60 18.09
CA VAL C 153 2.70 -15.02 18.24
C VAL C 153 3.70 -15.77 17.40
N ASN C 154 4.89 -15.99 17.97
CA ASN C 154 5.96 -16.68 17.28
C ASN C 154 5.64 -18.15 16.96
N SER C 155 4.51 -18.63 17.48
CA SER C 155 4.09 -20.00 17.21
C SER C 155 3.28 -20.04 15.91
N LEU C 156 2.96 -18.87 15.38
CA LEU C 156 2.16 -18.77 14.17
C LEU C 156 2.73 -19.50 12.94
N PRO C 157 4.02 -19.27 12.63
CA PRO C 157 4.61 -19.94 11.46
C PRO C 157 4.53 -21.47 11.52
N GLY C 158 4.74 -22.03 12.71
CA GLY C 158 4.69 -23.46 12.85
C GLY C 158 3.31 -24.03 12.63
N SER C 159 2.30 -23.37 13.21
CA SER C 159 0.92 -23.80 13.06
C SER C 159 0.53 -23.80 11.59
N ILE C 160 0.96 -22.74 10.90
CA ILE C 160 0.68 -22.58 9.49
C ILE C 160 1.36 -23.67 8.67
N ASN C 161 2.62 -23.96 8.99
CA ASN C 161 3.39 -24.98 8.30
C ASN C 161 2.78 -26.36 8.47
N LYS C 162 2.28 -26.65 9.66
CA LYS C 162 1.67 -27.95 9.92
C LYS C 162 0.36 -28.08 9.15
N ALA C 163 -0.40 -27.00 9.10
CA ALA C 163 -1.66 -27.00 8.36
C ALA C 163 -1.39 -27.30 6.89
N GLY C 164 -0.40 -26.61 6.31
CA GLY C 164 -0.06 -26.81 4.92
C GLY C 164 0.32 -28.24 4.56
N GLU C 165 1.03 -28.91 5.46
CA GLU C 165 1.45 -30.29 5.23
C GLU C 165 0.22 -31.18 5.22
N TYR C 166 -0.71 -30.92 6.13
CA TYR C 166 -1.94 -31.70 6.16
C TYR C 166 -2.62 -31.56 4.79
N LEU C 167 -2.69 -30.33 4.29
CA LEU C 167 -3.29 -30.06 3.01
C LEU C 167 -2.55 -30.79 1.89
N GLU C 168 -1.23 -30.73 1.94
CA GLU C 168 -0.39 -31.39 0.95
C GLU C 168 -0.67 -32.89 0.95
N ALA C 169 -0.76 -33.46 2.15
CA ALA C 169 -1.01 -34.87 2.30
C ALA C 169 -2.38 -35.31 1.76
N SER C 170 -3.33 -34.39 1.65
CA SER C 170 -4.65 -34.76 1.16
C SER C 170 -5.06 -34.12 -0.16
N TYR C 171 -4.17 -33.34 -0.75
CA TYR C 171 -4.48 -32.66 -1.99
C TYR C 171 -4.85 -33.51 -3.18
N LEU C 172 -3.97 -34.41 -3.57
CA LEU C 172 -4.21 -35.28 -4.72
C LEU C 172 -5.52 -36.06 -4.68
N ASN C 173 -5.92 -36.52 -3.49
CA ASN C 173 -7.15 -37.31 -3.33
C ASN C 173 -8.45 -36.50 -3.31
N LEU C 174 -8.36 -35.17 -3.31
CA LEU C 174 -9.55 -34.35 -3.25
C LEU C 174 -10.44 -34.54 -4.47
N GLN C 175 -11.75 -34.51 -4.25
CA GLN C 175 -12.70 -34.69 -5.33
C GLN C 175 -13.39 -33.38 -5.68
N ARG C 176 -13.54 -32.50 -4.68
CA ARG C 176 -14.23 -31.22 -4.85
C ARG C 176 -13.42 -30.09 -5.49
N PRO C 177 -13.96 -29.48 -6.53
CA PRO C 177 -13.26 -28.37 -7.19
C PRO C 177 -13.09 -27.19 -6.23
N TYR C 178 -14.06 -27.02 -5.32
CA TYR C 178 -14.01 -25.92 -4.35
C TYR C 178 -12.84 -26.12 -3.41
N THR C 179 -12.70 -27.35 -2.90
CA THR C 179 -11.64 -27.67 -1.97
C THR C 179 -10.26 -27.61 -2.64
N VAL C 180 -10.21 -28.01 -3.91
CA VAL C 180 -8.97 -27.98 -4.67
C VAL C 180 -8.53 -26.52 -4.88
N ALA C 181 -9.51 -25.64 -5.00
CA ALA C 181 -9.22 -24.22 -5.20
C ALA C 181 -8.72 -23.58 -3.91
N ILE C 182 -9.47 -23.70 -2.83
CA ILE C 182 -9.05 -23.08 -1.57
C ILE C 182 -7.75 -23.65 -1.03
N ALA C 183 -7.59 -24.98 -1.07
CA ALA C 183 -6.35 -25.60 -0.60
C ALA C 183 -5.22 -25.26 -1.59
N GLY C 184 -5.59 -25.05 -2.85
CA GLY C 184 -4.58 -24.73 -3.84
C GLY C 184 -3.92 -23.42 -3.47
N TYR C 185 -4.76 -22.42 -3.18
CA TYR C 185 -4.27 -21.09 -2.79
C TYR C 185 -3.42 -21.19 -1.52
N ALA C 186 -3.90 -21.95 -0.55
CA ALA C 186 -3.20 -22.12 0.71
C ALA C 186 -1.83 -22.76 0.48
N LEU C 187 -1.77 -23.71 -0.46
CA LEU C 187 -0.49 -24.36 -0.77
C LEU C 187 0.42 -23.38 -1.48
N ALA C 188 -0.17 -22.49 -2.29
CA ALA C 188 0.59 -21.49 -3.03
C ALA C 188 1.19 -20.50 -2.04
N LEU C 189 0.41 -20.13 -1.03
CA LEU C 189 0.89 -19.20 -0.02
C LEU C 189 2.03 -19.87 0.72
N MET C 190 2.00 -21.20 0.71
CA MET C 190 3.01 -22.04 1.35
C MET C 190 4.18 -22.27 0.40
N ASN C 191 4.03 -21.80 -0.83
CA ASN C 191 5.05 -21.98 -1.87
C ASN C 191 5.18 -23.48 -2.14
N LYS C 192 4.12 -24.22 -1.83
CA LYS C 192 4.08 -25.66 -2.01
C LYS C 192 3.23 -26.08 -3.22
N LEU C 193 2.60 -25.13 -3.89
CA LEU C 193 1.77 -25.45 -5.04
C LEU C 193 2.60 -25.75 -6.27
N GLU C 194 3.30 -26.89 -6.23
CA GLU C 194 4.11 -27.26 -7.37
C GLU C 194 3.68 -28.57 -8.03
N GLU C 195 4.50 -29.00 -8.98
CA GLU C 195 4.31 -30.19 -9.80
C GLU C 195 3.15 -31.17 -9.66
N PRO C 196 3.16 -32.05 -8.64
CA PRO C 196 1.99 -32.94 -8.62
C PRO C 196 0.72 -32.13 -8.37
N TYR C 197 0.74 -31.37 -7.27
CA TYR C 197 -0.36 -30.53 -6.87
C TYR C 197 -0.74 -29.50 -7.91
N LEU C 198 0.26 -28.99 -8.63
CA LEU C 198 0.03 -27.97 -9.65
C LEU C 198 -0.90 -28.42 -10.77
N THR C 199 -0.63 -29.57 -11.37
CA THR C 199 -1.48 -30.06 -12.46
C THR C 199 -2.83 -30.50 -11.89
N LYS C 200 -2.84 -30.96 -10.64
CA LYS C 200 -4.06 -31.38 -9.99
C LYS C 200 -4.95 -30.14 -9.86
N PHE C 201 -4.36 -29.05 -9.42
CA PHE C 201 -5.04 -27.78 -9.22
C PHE C 201 -5.60 -27.24 -10.54
N LEU C 202 -4.73 -27.13 -11.55
CA LEU C 202 -5.12 -26.61 -12.86
C LEU C 202 -6.10 -27.51 -13.58
N ASN C 203 -5.88 -28.82 -13.52
CA ASN C 203 -6.75 -29.77 -14.20
C ASN C 203 -8.14 -29.92 -13.58
N THR C 204 -8.37 -29.22 -12.48
CA THR C 204 -9.68 -29.29 -11.83
C THR C 204 -10.59 -28.18 -12.34
N ALA C 205 -10.01 -27.24 -13.10
CA ALA C 205 -10.77 -26.13 -13.65
C ALA C 205 -11.53 -26.50 -14.92
N LYS C 206 -12.66 -25.83 -15.14
CA LYS C 206 -13.48 -26.06 -16.33
C LYS C 206 -13.12 -24.97 -17.34
N ASP C 207 -12.76 -25.37 -18.55
CA ASP C 207 -12.39 -24.43 -19.60
C ASP C 207 -11.24 -23.54 -19.15
N ARG C 208 -10.47 -24.02 -18.19
CA ARG C 208 -9.35 -23.30 -17.63
C ARG C 208 -9.70 -21.88 -17.19
N ASN C 209 -10.96 -21.67 -16.81
CA ASN C 209 -11.37 -20.34 -16.36
C ASN C 209 -12.18 -20.36 -15.06
N ARG C 210 -12.46 -21.55 -14.55
CA ARG C 210 -13.25 -21.68 -13.33
C ARG C 210 -13.18 -23.03 -12.62
N TRP C 211 -13.24 -22.98 -11.29
CA TRP C 211 -13.24 -24.18 -10.46
C TRP C 211 -14.71 -24.27 -10.08
N GLU C 212 -15.45 -24.99 -10.92
CA GLU C 212 -16.88 -25.09 -10.76
C GLU C 212 -17.49 -26.38 -10.21
N GLU C 213 -18.54 -26.19 -9.44
CA GLU C 213 -19.32 -27.27 -8.87
C GLU C 213 -20.71 -26.96 -9.40
N PRO C 214 -21.42 -27.97 -9.94
CA PRO C 214 -22.75 -27.76 -10.49
C PRO C 214 -23.79 -27.13 -9.56
N GLY C 215 -24.50 -26.14 -10.08
CA GLY C 215 -25.54 -25.45 -9.33
C GLY C 215 -25.10 -24.71 -8.09
N GLN C 216 -23.84 -24.27 -8.05
CA GLN C 216 -23.31 -23.54 -6.90
C GLN C 216 -22.62 -22.28 -7.36
N GLN C 217 -23.39 -21.38 -7.96
CA GLN C 217 -22.85 -20.13 -8.48
C GLN C 217 -21.90 -19.42 -7.54
N LEU C 218 -22.36 -19.10 -6.34
CA LEU C 218 -21.53 -18.38 -5.40
C LEU C 218 -20.32 -19.15 -4.87
N TYR C 219 -20.44 -20.48 -4.73
CA TYR C 219 -19.30 -21.27 -4.25
C TYR C 219 -18.22 -21.18 -5.32
N ASN C 220 -18.66 -21.14 -6.58
CA ASN C 220 -17.77 -21.08 -7.74
C ASN C 220 -17.07 -19.75 -7.91
N VAL C 221 -17.74 -18.65 -7.57
CA VAL C 221 -17.11 -17.33 -7.68
C VAL C 221 -16.00 -17.32 -6.63
N GLU C 222 -16.35 -17.73 -5.42
CA GLU C 222 -15.41 -17.77 -4.31
C GLU C 222 -14.22 -18.67 -4.60
N ALA C 223 -14.49 -19.90 -5.02
CA ALA C 223 -13.43 -20.85 -5.35
C ALA C 223 -12.50 -20.35 -6.43
N THR C 224 -13.10 -19.80 -7.49
CA THR C 224 -12.33 -19.28 -8.61
C THR C 224 -11.48 -18.07 -8.23
N SER C 225 -11.89 -17.37 -7.17
CA SER C 225 -11.15 -16.20 -6.69
C SER C 225 -9.90 -16.71 -5.98
N TYR C 226 -10.08 -17.71 -5.14
CA TYR C 226 -8.95 -18.31 -4.43
C TYR C 226 -7.98 -18.82 -5.48
N ALA C 227 -8.51 -19.47 -6.51
CA ALA C 227 -7.70 -20.02 -7.59
C ALA C 227 -6.96 -18.88 -8.32
N LEU C 228 -7.66 -17.79 -8.60
CA LEU C 228 -7.02 -16.64 -9.27
C LEU C 228 -5.86 -16.13 -8.42
N LEU C 229 -6.08 -16.06 -7.12
CA LEU C 229 -5.04 -15.57 -6.21
C LEU C 229 -3.83 -16.52 -6.22
N ALA C 230 -4.08 -17.82 -6.29
CA ALA C 230 -3.02 -18.81 -6.34
C ALA C 230 -2.18 -18.62 -7.60
N LEU C 231 -2.86 -18.48 -8.74
CA LEU C 231 -2.19 -18.30 -10.02
C LEU C 231 -1.35 -17.03 -10.00
N LEU C 232 -1.86 -15.99 -9.35
CA LEU C 232 -1.14 -14.73 -9.27
C LEU C 232 0.14 -14.98 -8.48
N LEU C 233 0.02 -15.77 -7.41
CA LEU C 233 1.15 -16.09 -6.56
C LEU C 233 2.22 -16.86 -7.34
N LEU C 234 1.77 -17.68 -8.27
CA LEU C 234 2.70 -18.47 -9.09
C LEU C 234 3.19 -17.66 -10.27
N LYS C 235 2.55 -16.51 -10.51
CA LYS C 235 2.90 -15.63 -11.61
C LYS C 235 2.67 -16.33 -12.95
N ASP C 236 1.71 -17.25 -12.97
CA ASP C 236 1.36 -17.97 -14.17
C ASP C 236 0.38 -17.11 -14.96
N PHE C 237 0.87 -15.96 -15.42
CA PHE C 237 0.03 -15.02 -16.16
C PHE C 237 -0.50 -15.61 -17.46
N ASP C 238 -0.22 -16.88 -17.68
CA ASP C 238 -0.68 -17.57 -18.88
C ASP C 238 -2.15 -17.96 -18.70
N SER C 239 -2.47 -18.54 -17.56
CA SER C 239 -3.84 -18.97 -17.27
C SER C 239 -4.66 -17.93 -16.50
N VAL C 240 -4.03 -16.82 -16.17
CA VAL C 240 -4.71 -15.77 -15.42
C VAL C 240 -5.82 -15.06 -16.21
N PRO C 241 -5.54 -14.60 -17.44
CA PRO C 241 -6.55 -13.91 -18.24
C PRO C 241 -7.93 -14.58 -18.29
N PRO C 242 -8.00 -15.85 -18.74
CA PRO C 242 -9.29 -16.54 -18.82
C PRO C 242 -10.06 -16.54 -17.49
N VAL C 243 -9.35 -16.79 -16.40
CA VAL C 243 -9.95 -16.79 -15.07
C VAL C 243 -10.51 -15.41 -14.72
N VAL C 244 -9.70 -14.37 -14.88
CA VAL C 244 -10.14 -13.02 -14.59
C VAL C 244 -11.38 -12.64 -15.39
N ARG C 245 -11.40 -13.01 -16.66
CA ARG C 245 -12.54 -12.72 -17.54
C ARG C 245 -13.83 -13.32 -16.98
N TRP C 246 -13.80 -14.62 -16.69
CA TRP C 246 -14.98 -15.32 -16.15
C TRP C 246 -15.41 -14.68 -14.83
N LEU C 247 -14.50 -14.62 -13.88
CA LEU C 247 -14.77 -14.04 -12.57
C LEU C 247 -15.46 -12.70 -12.76
N ASN C 248 -14.97 -11.98 -13.75
CA ASN C 248 -15.48 -10.66 -14.11
C ASN C 248 -16.92 -10.67 -14.60
N ASP C 249 -17.33 -11.78 -15.21
CA ASP C 249 -18.68 -11.91 -15.76
C ASP C 249 -19.70 -12.46 -14.76
N GLU C 250 -19.22 -12.97 -13.63
CA GLU C 250 -20.14 -13.56 -12.67
C GLU C 250 -21.11 -12.57 -12.02
N ARG C 251 -22.39 -12.89 -12.15
CA ARG C 251 -23.48 -12.09 -11.63
C ARG C 251 -23.60 -12.12 -10.13
N TYR C 252 -22.46 -12.05 -9.46
CA TYR C 252 -22.44 -12.06 -8.01
C TYR C 252 -23.48 -11.14 -7.36
N TYR C 253 -23.90 -11.51 -6.14
CA TYR C 253 -24.94 -10.75 -5.43
C TYR C 253 -24.55 -10.14 -4.09
N GLY C 254 -23.77 -9.07 -4.17
CA GLY C 254 -23.27 -8.33 -3.02
C GLY C 254 -23.81 -8.51 -1.61
N GLY C 255 -24.87 -7.81 -1.26
CA GLY C 255 -25.40 -7.93 0.10
C GLY C 255 -26.54 -8.91 0.18
N GLY C 256 -26.56 -9.87 -0.74
CA GLY C 256 -27.62 -10.86 -0.77
C GLY C 256 -27.32 -12.09 0.06
N TYR C 257 -28.38 -12.74 0.50
CA TYR C 257 -28.29 -13.94 1.32
C TYR C 257 -27.32 -14.96 0.73
N GLY C 258 -26.35 -15.38 1.54
CA GLY C 258 -25.39 -16.39 1.10
C GLY C 258 -24.19 -15.89 0.31
N SER C 259 -24.04 -14.58 0.20
CA SER C 259 -22.95 -14.03 -0.58
C SER C 259 -21.79 -13.45 0.21
N THR C 260 -21.59 -13.83 1.46
CA THR C 260 -20.47 -13.22 2.18
C THR C 260 -19.09 -13.59 1.64
N GLN C 261 -18.82 -14.88 1.51
CA GLN C 261 -17.52 -15.37 1.03
C GLN C 261 -17.15 -14.97 -0.40
N ALA C 262 -18.14 -14.98 -1.29
CA ALA C 262 -17.87 -14.64 -2.67
C ALA C 262 -17.61 -13.13 -2.85
N THR C 263 -18.21 -12.33 -2.00
CA THR C 263 -18.03 -10.86 -2.09
C THR C 263 -16.63 -10.53 -1.67
N PHE C 264 -16.24 -11.02 -0.50
CA PHE C 264 -14.91 -10.77 0.01
C PHE C 264 -13.85 -11.29 -0.96
N MET C 265 -13.98 -12.55 -1.36
CA MET C 265 -13.00 -13.16 -2.26
C MET C 265 -12.91 -12.60 -3.66
N VAL C 266 -14.05 -12.26 -4.27
CA VAL C 266 -14.01 -11.74 -5.63
C VAL C 266 -13.25 -10.41 -5.70
N PHE C 267 -13.54 -9.50 -4.78
CA PHE C 267 -12.88 -8.20 -4.76
C PHE C 267 -11.43 -8.27 -4.29
N GLN C 268 -11.12 -9.20 -3.38
CA GLN C 268 -9.75 -9.36 -2.93
C GLN C 268 -8.91 -9.87 -4.10
N ALA C 269 -9.51 -10.79 -4.86
CA ALA C 269 -8.85 -11.40 -6.02
C ALA C 269 -8.72 -10.43 -7.20
N LEU C 270 -9.78 -9.70 -7.50
CA LEU C 270 -9.75 -8.74 -8.61
C LEU C 270 -8.80 -7.60 -8.26
N ALA C 271 -8.76 -7.22 -6.99
CA ALA C 271 -7.89 -6.15 -6.56
C ALA C 271 -6.46 -6.63 -6.74
N GLN C 272 -6.19 -7.86 -6.33
CA GLN C 272 -4.86 -8.42 -6.45
C GLN C 272 -4.39 -8.51 -7.90
N TYR C 273 -5.32 -8.88 -8.78
CA TYR C 273 -4.99 -8.98 -10.21
C TYR C 273 -4.48 -7.65 -10.73
N ARG C 274 -5.09 -6.56 -10.32
CA ARG C 274 -4.68 -5.22 -10.75
C ARG C 274 -3.33 -4.84 -10.18
N ALA C 275 -3.19 -4.97 -8.87
CA ALA C 275 -1.94 -4.64 -8.19
C ALA C 275 -0.81 -5.54 -8.64
N ASP C 276 -1.16 -6.59 -9.38
CA ASP C 276 -0.16 -7.52 -9.86
C ASP C 276 0.42 -7.47 -11.25
N CYS D 1 -34.54 -0.85 13.47
CA CYS D 1 -33.75 -0.25 12.37
C CYS D 1 -34.58 0.67 11.48
N GLY D 2 -35.72 0.17 10.99
CA GLY D 2 -36.61 0.95 10.14
C GLY D 2 -36.11 1.26 8.74
N GLU D 3 -34.94 1.89 8.68
CA GLU D 3 -34.29 2.25 7.43
C GLU D 3 -33.32 1.14 7.08
N GLN D 4 -32.52 0.75 8.06
CA GLN D 4 -31.53 -0.32 7.88
C GLN D 4 -32.14 -1.65 7.46
N ASN D 5 -33.35 -1.95 7.93
CA ASN D 5 -33.99 -3.20 7.56
C ASN D 5 -34.18 -3.22 6.06
N MET D 6 -34.60 -2.09 5.51
CA MET D 6 -34.83 -1.99 4.08
C MET D 6 -33.50 -2.07 3.32
N ILE D 7 -32.45 -1.54 3.93
CA ILE D 7 -31.13 -1.58 3.32
C ILE D 7 -30.68 -3.06 3.27
N GLY D 8 -30.85 -3.75 4.40
CA GLY D 8 -30.42 -5.14 4.49
C GLY D 8 -31.15 -6.17 3.63
N MET D 9 -32.42 -5.95 3.34
CA MET D 9 -33.18 -6.91 2.55
C MET D 9 -33.19 -6.63 1.05
N THR D 10 -32.82 -5.42 0.66
CA THR D 10 -32.82 -5.03 -0.75
C THR D 10 -32.04 -5.97 -1.69
N PRO D 11 -30.75 -6.23 -1.40
CA PRO D 11 -29.98 -7.12 -2.29
C PRO D 11 -30.63 -8.48 -2.59
N THR D 12 -31.16 -9.13 -1.55
CA THR D 12 -31.78 -10.43 -1.73
C THR D 12 -33.09 -10.34 -2.51
N VAL D 13 -33.91 -9.32 -2.20
CA VAL D 13 -35.18 -9.16 -2.89
C VAL D 13 -35.01 -9.03 -4.40
N ILE D 14 -34.14 -8.13 -4.83
CA ILE D 14 -33.94 -7.91 -6.25
C ILE D 14 -33.09 -8.99 -6.92
N ALA D 15 -32.35 -9.75 -6.13
CA ALA D 15 -31.53 -10.83 -6.67
C ALA D 15 -32.46 -11.99 -7.06
N VAL D 16 -33.45 -12.26 -6.21
CA VAL D 16 -34.40 -13.34 -6.48
C VAL D 16 -35.24 -12.93 -7.69
N HIS D 17 -35.63 -11.65 -7.73
CA HIS D 17 -36.42 -11.11 -8.83
C HIS D 17 -35.65 -11.27 -10.15
N TYR D 18 -34.36 -10.93 -10.12
CA TYR D 18 -33.52 -11.03 -11.31
C TYR D 18 -33.32 -12.48 -11.80
N LEU D 19 -32.99 -13.38 -10.87
CA LEU D 19 -32.77 -14.78 -11.17
C LEU D 19 -34.09 -15.41 -11.64
N ASP D 20 -35.20 -14.92 -11.09
CA ASP D 20 -36.54 -15.37 -11.44
C ASP D 20 -36.84 -15.01 -12.88
N GLN D 21 -36.81 -13.71 -13.15
CA GLN D 21 -37.12 -13.16 -14.46
C GLN D 21 -36.22 -13.61 -15.60
N THR D 22 -34.95 -13.86 -15.30
CA THR D 22 -34.00 -14.28 -16.32
C THR D 22 -33.86 -15.80 -16.35
N GLU D 23 -34.58 -16.48 -15.45
CA GLU D 23 -34.54 -17.93 -15.37
C GLU D 23 -33.12 -18.46 -15.33
N GLN D 24 -32.38 -18.07 -14.30
CA GLN D 24 -30.98 -18.49 -14.17
C GLN D 24 -30.73 -19.18 -12.84
N TRP D 25 -31.75 -19.84 -12.30
CA TRP D 25 -31.61 -20.55 -11.03
C TRP D 25 -30.81 -21.84 -11.17
N GLU D 26 -30.76 -22.39 -12.38
CA GLU D 26 -30.02 -23.62 -12.64
C GLU D 26 -28.55 -23.45 -12.30
N LYS D 27 -27.94 -22.37 -12.80
CA LYS D 27 -26.54 -22.08 -12.55
C LYS D 27 -26.32 -21.65 -11.10
N PHE D 28 -27.27 -20.89 -10.59
CA PHE D 28 -27.20 -20.40 -9.22
C PHE D 28 -27.36 -21.48 -8.16
N GLY D 29 -28.40 -22.28 -8.32
CA GLY D 29 -28.67 -23.34 -7.38
C GLY D 29 -30.12 -23.25 -6.98
N LEU D 30 -30.94 -24.10 -7.59
CA LEU D 30 -32.38 -24.13 -7.34
C LEU D 30 -32.76 -24.27 -5.88
N GLU D 31 -31.99 -25.03 -5.12
CA GLU D 31 -32.29 -25.23 -3.70
C GLU D 31 -31.98 -24.01 -2.85
N LYS D 32 -31.42 -22.97 -3.45
CA LYS D 32 -31.07 -21.78 -2.69
C LYS D 32 -32.22 -20.77 -2.64
N ARG D 33 -33.15 -20.86 -3.59
CA ARG D 33 -34.25 -19.92 -3.65
C ARG D 33 -35.19 -19.90 -2.44
N GLN D 34 -35.38 -21.05 -1.80
CA GLN D 34 -36.27 -21.08 -0.64
C GLN D 34 -35.71 -20.35 0.57
N GLU D 35 -34.41 -20.52 0.81
CA GLU D 35 -33.76 -19.84 1.94
C GLU D 35 -33.75 -18.34 1.71
N ALA D 36 -33.54 -17.93 0.46
CA ALA D 36 -33.55 -16.51 0.13
C ALA D 36 -34.95 -15.97 0.44
N LEU D 37 -35.97 -16.70 0.02
CA LEU D 37 -37.34 -16.27 0.26
C LEU D 37 -37.64 -16.12 1.74
N GLU D 38 -37.04 -16.98 2.55
CA GLU D 38 -37.25 -16.92 3.98
C GLU D 38 -36.60 -15.65 4.54
N LEU D 39 -35.51 -15.23 3.92
CA LEU D 39 -34.82 -14.01 4.36
C LEU D 39 -35.75 -12.84 4.04
N ILE D 40 -36.33 -12.85 2.86
CA ILE D 40 -37.25 -11.81 2.42
C ILE D 40 -38.49 -11.77 3.33
N LYS D 41 -38.95 -12.94 3.75
CA LYS D 41 -40.11 -13.04 4.63
C LYS D 41 -39.77 -12.41 5.98
N LYS D 42 -38.55 -12.64 6.44
CA LYS D 42 -38.10 -12.09 7.72
C LYS D 42 -38.02 -10.57 7.61
N GLY D 43 -37.50 -10.08 6.48
CA GLY D 43 -37.38 -8.66 6.29
C GLY D 43 -38.72 -7.94 6.25
N TYR D 44 -39.68 -8.52 5.53
CA TYR D 44 -41.01 -7.93 5.42
C TYR D 44 -41.71 -7.86 6.77
N THR D 45 -41.61 -8.93 7.53
CA THR D 45 -42.24 -9.00 8.84
C THR D 45 -41.58 -8.01 9.81
N GLN D 46 -40.27 -7.89 9.68
CA GLN D 46 -39.48 -7.00 10.52
C GLN D 46 -39.82 -5.54 10.22
N GLN D 47 -40.12 -5.26 8.96
CA GLN D 47 -40.46 -3.90 8.54
C GLN D 47 -41.82 -3.45 9.11
N LEU D 48 -42.70 -4.42 9.33
CA LEU D 48 -44.03 -4.16 9.85
C LEU D 48 -43.95 -3.61 11.27
N ALA D 49 -42.87 -3.91 11.97
CA ALA D 49 -42.71 -3.40 13.32
C ALA D 49 -42.51 -1.88 13.27
N PHE D 50 -42.16 -1.37 12.09
CA PHE D 50 -41.94 0.06 11.93
C PHE D 50 -43.06 0.77 11.17
N LYS D 51 -44.14 0.06 10.91
CA LYS D 51 -45.27 0.67 10.22
C LYS D 51 -46.02 1.43 11.31
N GLN D 52 -46.12 2.75 11.15
CA GLN D 52 -46.81 3.60 12.12
C GLN D 52 -48.31 3.54 11.90
N PRO D 53 -49.11 3.95 12.90
CA PRO D 53 -50.57 3.94 12.81
C PRO D 53 -51.08 4.55 11.52
N ILE D 54 -50.27 5.42 10.94
CA ILE D 54 -50.65 6.09 9.71
C ILE D 54 -50.38 5.26 8.45
N SER D 55 -49.69 4.13 8.64
CA SER D 55 -49.32 3.21 7.56
C SER D 55 -48.02 3.66 6.91
N ALA D 56 -47.41 4.69 7.49
CA ALA D 56 -46.15 5.23 6.98
C ALA D 56 -44.97 4.66 7.77
N TYR D 57 -43.75 4.91 7.28
CA TYR D 57 -42.53 4.42 7.90
C TYR D 57 -41.50 5.48 8.28
N ALA D 58 -40.68 5.13 9.27
CA ALA D 58 -39.58 5.98 9.75
C ALA D 58 -38.59 5.00 10.38
N ALA D 59 -37.36 5.47 10.61
CA ALA D 59 -36.32 4.63 11.20
C ALA D 59 -36.75 4.04 12.55
N PHE D 60 -37.53 4.82 13.29
CA PHE D 60 -38.01 4.39 14.59
C PHE D 60 -39.47 4.78 14.70
N ASN D 61 -40.21 4.04 15.52
CA ASN D 61 -41.64 4.30 15.72
C ASN D 61 -41.92 5.64 16.38
N ASN D 62 -40.88 6.25 16.92
CA ASN D 62 -40.98 7.55 17.59
C ASN D 62 -40.65 8.67 16.62
N ARG D 63 -40.03 8.32 15.50
CA ARG D 63 -39.62 9.30 14.51
C ARG D 63 -40.69 9.62 13.49
N PRO D 64 -40.90 10.92 13.23
CA PRO D 64 -41.92 11.32 12.25
C PRO D 64 -41.60 10.59 10.94
N PRO D 65 -42.65 10.19 10.21
CA PRO D 65 -42.53 9.47 8.95
C PRO D 65 -41.78 10.13 7.77
N SER D 66 -41.05 9.30 7.05
CA SER D 66 -40.32 9.78 5.88
C SER D 66 -41.12 9.41 4.63
N THR D 67 -41.30 10.41 3.78
CA THR D 67 -42.03 10.24 2.53
C THR D 67 -41.23 9.33 1.62
N TRP D 68 -39.93 9.58 1.53
CA TRP D 68 -39.06 8.76 0.69
C TRP D 68 -39.03 7.29 1.15
N LEU D 69 -38.81 7.07 2.45
CA LEU D 69 -38.76 5.71 2.99
C LEU D 69 -40.06 4.96 2.76
N THR D 70 -41.19 5.63 2.99
CA THR D 70 -42.48 4.98 2.82
C THR D 70 -42.67 4.62 1.35
N ALA D 71 -42.18 5.48 0.46
CA ALA D 71 -42.30 5.25 -0.96
C ALA D 71 -41.39 4.09 -1.38
N TYR D 72 -40.23 3.99 -0.74
CA TYR D 72 -39.30 2.92 -1.06
C TYR D 72 -39.84 1.56 -0.59
N VAL D 73 -40.56 1.55 0.54
CA VAL D 73 -41.16 0.33 1.07
C VAL D 73 -42.25 -0.14 0.11
N SER D 74 -42.99 0.83 -0.44
CA SER D 74 -44.04 0.52 -1.40
C SER D 74 -43.41 -0.02 -2.68
N ARG D 75 -42.25 0.53 -3.04
CA ARG D 75 -41.52 0.12 -4.24
C ARG D 75 -40.96 -1.31 -4.10
N VAL D 76 -40.40 -1.62 -2.94
CA VAL D 76 -39.85 -2.94 -2.65
C VAL D 76 -40.98 -3.95 -2.51
N PHE D 77 -41.93 -3.64 -1.62
CA PHE D 77 -43.05 -4.53 -1.34
C PHE D 77 -43.89 -4.83 -2.57
N SER D 78 -44.00 -3.88 -3.49
CA SER D 78 -44.76 -4.10 -4.71
C SER D 78 -44.10 -5.19 -5.54
N LEU D 79 -42.77 -5.15 -5.57
CA LEU D 79 -41.98 -6.11 -6.32
C LEU D 79 -41.94 -7.43 -5.56
N ALA D 80 -41.78 -7.36 -4.24
CA ALA D 80 -41.72 -8.54 -3.39
C ALA D 80 -43.04 -9.31 -3.34
N ALA D 81 -44.12 -8.64 -3.72
CA ALA D 81 -45.44 -9.24 -3.71
C ALA D 81 -45.51 -10.44 -4.66
N ASN D 82 -44.60 -10.44 -5.63
CA ASN D 82 -44.54 -11.52 -6.61
C ASN D 82 -43.64 -12.65 -6.11
N LEU D 83 -43.00 -12.43 -4.97
CA LEU D 83 -42.10 -13.42 -4.40
C LEU D 83 -42.64 -14.00 -3.11
N ILE D 84 -43.14 -13.14 -2.22
CA ILE D 84 -43.68 -13.61 -0.96
C ILE D 84 -45.07 -13.01 -0.77
N ALA D 85 -45.81 -13.53 0.22
CA ALA D 85 -47.14 -13.04 0.49
C ALA D 85 -47.01 -11.69 1.18
N ILE D 86 -47.58 -10.66 0.54
CA ILE D 86 -47.58 -9.32 1.10
C ILE D 86 -49.04 -8.90 1.36
N ASP D 87 -49.28 -8.29 2.52
CA ASP D 87 -50.62 -7.87 2.87
C ASP D 87 -50.96 -6.57 2.12
N SER D 88 -52.03 -6.63 1.34
CA SER D 88 -52.52 -5.50 0.54
C SER D 88 -52.76 -4.27 1.42
N GLN D 89 -53.30 -4.53 2.61
CA GLN D 89 -53.60 -3.48 3.57
C GLN D 89 -52.36 -2.68 3.89
N VAL D 90 -51.24 -3.38 4.05
CA VAL D 90 -49.98 -2.74 4.37
C VAL D 90 -49.47 -1.91 3.19
N LEU D 91 -49.40 -2.55 2.02
CA LEU D 91 -48.90 -1.89 0.82
C LEU D 91 -49.76 -0.70 0.41
N CYS D 92 -51.06 -0.94 0.29
CA CYS D 92 -51.99 0.10 -0.10
C CYS D 92 -52.20 1.17 0.96
N GLY D 93 -51.96 0.83 2.22
CA GLY D 93 -52.09 1.80 3.28
C GLY D 93 -51.02 2.87 3.08
N ALA D 94 -49.80 2.43 2.78
CA ALA D 94 -48.67 3.33 2.56
C ALA D 94 -48.92 4.21 1.33
N VAL D 95 -49.45 3.60 0.28
CA VAL D 95 -49.76 4.29 -0.97
C VAL D 95 -50.75 5.40 -0.70
N LYS D 96 -51.79 5.07 0.05
CA LYS D 96 -52.84 6.01 0.39
C LYS D 96 -52.25 7.21 1.14
N TRP D 97 -51.41 6.91 2.13
CA TRP D 97 -50.81 7.96 2.92
C TRP D 97 -50.03 8.94 2.05
N LEU D 98 -49.25 8.41 1.11
CA LEU D 98 -48.46 9.25 0.23
C LEU D 98 -49.35 10.20 -0.57
N ILE D 99 -50.38 9.64 -1.18
CA ILE D 99 -51.31 10.38 -2.01
C ILE D 99 -52.14 11.42 -1.28
N LEU D 100 -52.74 11.01 -0.16
CA LEU D 100 -53.61 11.89 0.62
C LEU D 100 -52.87 12.77 1.61
N GLU D 101 -51.63 12.42 1.91
CA GLU D 101 -50.88 13.19 2.89
C GLU D 101 -49.66 13.96 2.38
N LYS D 102 -48.93 13.40 1.43
CA LYS D 102 -47.71 14.04 0.96
C LYS D 102 -47.64 14.70 -0.41
N GLN D 103 -48.74 14.71 -1.15
CA GLN D 103 -48.74 15.34 -2.47
C GLN D 103 -49.38 16.73 -2.42
N LYS D 104 -48.70 17.71 -3.00
CA LYS D 104 -49.22 19.07 -3.02
C LYS D 104 -50.15 19.22 -4.23
N PRO D 105 -51.03 20.24 -4.21
CA PRO D 105 -51.96 20.47 -5.32
C PRO D 105 -51.33 20.56 -6.71
N ASP D 106 -50.05 20.92 -6.78
CA ASP D 106 -49.38 21.01 -8.08
C ASP D 106 -48.79 19.65 -8.52
N GLY D 107 -49.02 18.61 -7.71
CA GLY D 107 -48.53 17.30 -8.04
C GLY D 107 -47.23 16.91 -7.37
N VAL D 108 -46.57 17.87 -6.75
CA VAL D 108 -45.30 17.63 -6.06
C VAL D 108 -45.47 16.81 -4.78
N PHE D 109 -44.45 16.00 -4.47
CA PHE D 109 -44.47 15.23 -3.24
C PHE D 109 -43.44 15.92 -2.36
N GLN D 110 -43.73 16.02 -1.07
CA GLN D 110 -42.83 16.66 -0.13
C GLN D 110 -42.32 15.67 0.93
N GLU D 111 -41.08 15.90 1.38
CA GLU D 111 -40.46 15.09 2.41
C GLU D 111 -40.45 15.91 3.70
N ASP D 112 -41.20 15.46 4.70
CA ASP D 112 -41.29 16.17 5.97
C ASP D 112 -40.42 15.54 7.04
N GLY D 113 -39.96 14.30 6.79
CA GLY D 113 -39.13 13.61 7.75
C GLY D 113 -37.99 12.92 7.03
N PRO D 114 -36.93 13.67 6.67
CA PRO D 114 -35.78 13.09 5.97
C PRO D 114 -35.23 11.85 6.63
N VAL D 115 -34.81 10.88 5.82
CA VAL D 115 -34.24 9.65 6.38
C VAL D 115 -32.88 9.95 7.02
N ILE D 116 -32.56 9.17 8.05
CA ILE D 116 -31.29 9.31 8.73
C ILE D 116 -30.20 8.76 7.82
N HIS D 117 -30.46 7.62 7.20
CA HIS D 117 -29.49 6.99 6.30
C HIS D 117 -29.57 7.62 4.93
N GLN D 118 -28.92 8.77 4.77
CA GLN D 118 -28.92 9.48 3.48
C GLN D 118 -28.15 8.74 2.40
N GLU D 119 -27.38 7.73 2.78
CA GLU D 119 -26.62 6.93 1.80
C GLU D 119 -27.50 5.89 1.10
N MET D 120 -28.71 5.68 1.60
CA MET D 120 -29.62 4.69 1.04
C MET D 120 -30.59 5.23 -0.01
N ILE D 121 -30.63 6.56 -0.15
CA ILE D 121 -31.54 7.21 -1.09
C ILE D 121 -30.97 7.56 -2.48
N GLY D 122 -29.76 7.09 -2.77
CA GLY D 122 -29.13 7.34 -4.06
C GLY D 122 -28.90 8.79 -4.40
N GLY D 123 -29.04 9.13 -5.68
CA GLY D 123 -28.84 10.48 -6.15
C GLY D 123 -29.69 11.55 -5.47
N PHE D 124 -30.81 11.13 -4.88
CA PHE D 124 -31.72 12.03 -4.17
C PHE D 124 -30.97 12.74 -3.03
N ARG D 125 -29.84 12.17 -2.62
CA ARG D 125 -29.06 12.77 -1.55
C ARG D 125 -28.62 14.19 -1.96
N ASN D 126 -28.28 14.34 -3.24
CA ASN D 126 -27.88 15.65 -3.76
C ASN D 126 -29.20 16.40 -3.84
N THR D 127 -29.34 17.42 -3.00
CA THR D 127 -30.57 18.21 -2.91
C THR D 127 -30.96 19.02 -4.13
N LYS D 128 -30.04 19.20 -5.08
CA LYS D 128 -30.35 19.96 -6.28
C LYS D 128 -31.48 19.28 -7.05
N GLU D 129 -32.56 20.03 -7.30
CA GLU D 129 -33.73 19.55 -8.02
C GLU D 129 -34.36 18.35 -7.29
N ALA D 130 -34.34 18.39 -5.95
CA ALA D 130 -34.90 17.31 -5.13
C ALA D 130 -36.42 17.18 -5.25
N ASP D 131 -37.08 18.26 -5.60
CA ASP D 131 -38.53 18.23 -5.75
C ASP D 131 -38.86 17.31 -6.91
N VAL D 132 -38.12 17.42 -8.00
CA VAL D 132 -38.36 16.56 -9.15
C VAL D 132 -37.82 15.15 -8.87
N SER D 133 -36.74 15.06 -8.08
CA SER D 133 -36.14 13.78 -7.72
C SER D 133 -37.16 12.95 -6.91
N LEU D 134 -37.71 13.56 -5.86
CA LEU D 134 -38.67 12.88 -5.00
C LEU D 134 -39.97 12.57 -5.71
N THR D 135 -40.48 13.53 -6.47
CA THR D 135 -41.73 13.33 -7.20
C THR D 135 -41.68 12.16 -8.19
N ALA D 136 -40.58 12.06 -8.92
CA ALA D 136 -40.40 10.97 -9.87
C ALA D 136 -40.27 9.65 -9.12
N PHE D 137 -39.44 9.63 -8.08
CA PHE D 137 -39.22 8.44 -7.28
C PHE D 137 -40.55 7.94 -6.70
N VAL D 138 -41.34 8.85 -6.14
CA VAL D 138 -42.63 8.47 -5.56
C VAL D 138 -43.59 8.03 -6.66
N LEU D 139 -43.62 8.77 -7.75
CA LEU D 139 -44.49 8.46 -8.88
C LEU D 139 -44.19 7.03 -9.37
N ILE D 140 -42.91 6.72 -9.49
CA ILE D 140 -42.47 5.41 -9.95
C ILE D 140 -42.91 4.31 -8.99
N ALA D 141 -42.76 4.55 -7.69
CA ALA D 141 -43.18 3.59 -6.68
C ALA D 141 -44.69 3.39 -6.71
N LEU D 142 -45.43 4.48 -6.92
CA LEU D 142 -46.89 4.42 -6.99
C LEU D 142 -47.33 3.63 -8.23
N GLN D 143 -46.61 3.85 -9.34
CA GLN D 143 -46.89 3.15 -10.59
C GLN D 143 -46.73 1.66 -10.34
N GLU D 144 -45.61 1.30 -9.72
CA GLU D 144 -45.29 -0.09 -9.43
C GLU D 144 -46.29 -0.72 -8.47
N ALA D 145 -46.99 0.11 -7.72
CA ALA D 145 -47.97 -0.39 -6.75
C ALA D 145 -49.39 -0.50 -7.34
N ARG D 146 -49.54 -0.08 -8.59
CA ARG D 146 -50.84 -0.09 -9.26
C ARG D 146 -51.47 -1.47 -9.35
N ASP D 147 -50.68 -2.45 -9.76
CA ASP D 147 -51.15 -3.82 -9.91
C ASP D 147 -52.02 -4.30 -8.74
N ILE D 148 -51.58 -3.95 -7.54
CA ILE D 148 -52.27 -4.36 -6.32
C ILE D 148 -53.16 -3.30 -5.69
N CYS D 149 -52.74 -2.04 -5.73
CA CYS D 149 -53.48 -0.98 -5.07
C CYS D 149 -54.48 -0.13 -5.85
N GLU D 150 -54.35 -0.04 -7.16
CA GLU D 150 -55.27 0.77 -7.92
C GLU D 150 -56.73 0.42 -7.64
N GLY D 151 -57.01 -0.87 -7.51
CA GLY D 151 -58.38 -1.28 -7.24
C GLY D 151 -58.86 -0.85 -5.87
N GLN D 152 -57.94 -0.77 -4.91
CA GLN D 152 -58.26 -0.38 -3.54
C GLN D 152 -58.19 1.13 -3.32
N VAL D 153 -57.35 1.79 -4.11
CA VAL D 153 -57.17 3.24 -4.00
C VAL D 153 -57.41 3.85 -5.38
N ASN D 154 -58.68 4.05 -5.70
CA ASN D 154 -59.06 4.60 -7.00
C ASN D 154 -58.53 6.03 -7.21
N SER D 155 -57.96 6.64 -6.17
CA SER D 155 -57.42 7.99 -6.30
C SER D 155 -55.97 7.91 -6.80
N LEU D 156 -55.44 6.69 -6.86
CA LEU D 156 -54.06 6.49 -7.29
C LEU D 156 -53.72 7.01 -8.69
N PRO D 157 -54.53 6.68 -9.71
CA PRO D 157 -54.23 7.17 -11.06
C PRO D 157 -54.17 8.70 -11.16
N GLY D 158 -55.04 9.39 -10.44
CA GLY D 158 -55.05 10.84 -10.48
C GLY D 158 -53.81 11.45 -9.88
N SER D 159 -53.41 10.93 -8.71
CA SER D 159 -52.23 11.41 -8.02
C SER D 159 -51.02 11.24 -8.92
N ILE D 160 -50.96 10.08 -9.58
CA ILE D 160 -49.86 9.74 -10.49
C ILE D 160 -49.85 10.70 -11.69
N ASN D 161 -51.02 10.96 -12.24
CA ASN D 161 -51.15 11.84 -13.39
C ASN D 161 -50.72 13.26 -13.04
N LYS D 162 -51.06 13.73 -11.85
CA LYS D 162 -50.69 15.07 -11.43
C LYS D 162 -49.18 15.17 -11.24
N ALA D 163 -48.59 14.12 -10.67
CA ALA D 163 -47.14 14.09 -10.45
C ALA D 163 -46.44 14.18 -11.80
N GLY D 164 -46.89 13.41 -12.77
CA GLY D 164 -46.29 13.39 -14.10
C GLY D 164 -46.29 14.75 -14.80
N GLU D 165 -47.38 15.49 -14.63
CA GLU D 165 -47.51 16.81 -15.23
C GLU D 165 -46.50 17.76 -14.58
N TYR D 166 -46.33 17.64 -13.28
CA TYR D 166 -45.36 18.48 -12.59
C TYR D 166 -43.99 18.21 -13.21
N LEU D 167 -43.69 16.93 -13.40
CA LEU D 167 -42.41 16.55 -14.00
C LEU D 167 -42.29 17.10 -15.42
N GLU D 168 -43.35 16.98 -16.19
CA GLU D 168 -43.36 17.47 -17.56
C GLU D 168 -43.07 18.97 -17.56
N ALA D 169 -43.73 19.68 -16.65
CA ALA D 169 -43.58 21.12 -16.53
C ALA D 169 -42.18 21.56 -16.17
N SER D 170 -41.40 20.67 -15.54
CA SER D 170 -40.04 21.04 -15.15
C SER D 170 -38.94 20.26 -15.86
N TYR D 171 -39.30 19.37 -16.77
CA TYR D 171 -38.31 18.55 -17.45
C TYR D 171 -37.23 19.27 -18.24
N LEU D 172 -37.63 20.06 -19.22
CA LEU D 172 -36.70 20.79 -20.07
C LEU D 172 -35.67 21.67 -19.33
N ASN D 173 -36.07 22.25 -18.20
CA ASN D 173 -35.19 23.12 -17.43
C ASN D 173 -34.23 22.41 -16.49
N LEU D 174 -34.33 21.09 -16.41
CA LEU D 174 -33.45 20.33 -15.52
C LEU D 174 -32.00 20.40 -15.93
N GLN D 175 -31.12 20.47 -14.95
CA GLN D 175 -29.68 20.55 -15.22
C GLN D 175 -28.98 19.23 -14.89
N ARG D 176 -29.52 18.50 -13.91
CA ARG D 176 -28.94 17.24 -13.46
C ARG D 176 -29.24 16.02 -14.30
N PRO D 177 -28.19 15.29 -14.71
CA PRO D 177 -28.35 14.08 -15.51
C PRO D 177 -29.13 13.02 -14.72
N TYR D 178 -28.93 13.01 -13.40
CA TYR D 178 -29.62 12.05 -12.54
C TYR D 178 -31.13 12.28 -12.56
N THR D 179 -31.50 13.56 -12.40
CA THR D 179 -32.90 13.95 -12.38
C THR D 179 -33.55 13.76 -13.74
N VAL D 180 -32.78 13.98 -14.80
CA VAL D 180 -33.28 13.80 -16.16
C VAL D 180 -33.56 12.32 -16.41
N ALA D 181 -32.77 11.46 -15.80
CA ALA D 181 -32.93 10.03 -15.95
C ALA D 181 -34.15 9.52 -15.19
N ILE D 182 -34.22 9.82 -13.89
CA ILE D 182 -35.36 9.33 -13.11
C ILE D 182 -36.70 9.91 -13.55
N ALA D 183 -36.73 11.21 -13.86
CA ALA D 183 -37.96 11.83 -14.33
C ALA D 183 -38.26 11.32 -15.75
N GLY D 184 -37.20 10.97 -16.48
CA GLY D 184 -37.37 10.47 -17.83
C GLY D 184 -38.18 9.18 -17.78
N TYR D 185 -37.75 8.28 -16.91
CA TYR D 185 -38.41 6.99 -16.74
C TYR D 185 -39.86 7.19 -16.30
N ALA D 186 -40.06 8.10 -15.34
CA ALA D 186 -41.38 8.39 -14.83
C ALA D 186 -42.30 8.91 -15.94
N LEU D 187 -41.73 9.74 -16.82
CA LEU D 187 -42.49 10.31 -17.93
C LEU D 187 -42.83 9.21 -18.93
N ALA D 188 -41.90 8.27 -19.10
CA ALA D 188 -42.09 7.15 -20.00
C ALA D 188 -43.20 6.24 -19.47
N LEU D 189 -43.24 6.07 -18.16
CA LEU D 189 -44.28 5.24 -17.56
C LEU D 189 -45.61 5.92 -17.79
N MET D 190 -45.53 7.24 -17.93
CA MET D 190 -46.68 8.10 -18.17
C MET D 190 -46.99 8.16 -19.67
N ASN D 191 -46.13 7.55 -20.48
CA ASN D 191 -46.27 7.57 -21.92
C ASN D 191 -46.14 9.00 -22.40
N LYS D 192 -45.47 9.82 -21.59
CA LYS D 192 -45.28 11.22 -21.90
C LYS D 192 -43.86 11.53 -22.35
N LEU D 193 -42.98 10.53 -22.36
CA LEU D 193 -41.60 10.75 -22.78
C LEU D 193 -41.48 10.86 -24.29
N GLU D 194 -41.99 11.96 -24.84
CA GLU D 194 -41.91 12.15 -26.27
C GLU D 194 -41.13 13.38 -26.67
N GLU D 195 -41.15 13.65 -27.97
CA GLU D 195 -40.45 14.74 -28.63
C GLU D 195 -39.59 15.78 -27.94
N PRO D 196 -40.19 16.77 -27.24
CA PRO D 196 -39.25 17.70 -26.61
C PRO D 196 -38.43 17.00 -25.55
N TYR D 197 -39.15 16.38 -24.61
CA TYR D 197 -38.57 15.66 -23.49
C TYR D 197 -37.68 14.52 -23.95
N LEU D 198 -38.04 13.89 -25.07
CA LEU D 198 -37.27 12.76 -25.59
C LEU D 198 -35.82 13.11 -25.94
N THR D 199 -35.62 14.16 -26.72
CA THR D 199 -34.26 14.55 -27.09
C THR D 199 -33.53 15.12 -25.87
N LYS D 200 -34.29 15.74 -24.97
CA LYS D 200 -33.71 16.30 -23.76
C LYS D 200 -33.15 15.11 -22.94
N PHE D 201 -33.96 14.05 -22.83
CA PHE D 201 -33.58 12.85 -22.09
C PHE D 201 -32.34 12.19 -22.70
N LEU D 202 -32.41 11.90 -24.00
CA LEU D 202 -31.31 11.24 -24.72
C LEU D 202 -30.05 12.10 -24.79
N ASN D 203 -30.21 13.40 -25.03
CA ASN D 203 -29.08 14.31 -25.14
C ASN D 203 -28.37 14.58 -23.83
N THR D 204 -28.89 14.05 -22.73
CA THR D 204 -28.27 14.24 -21.43
C THR D 204 -27.28 13.12 -21.14
N ALA D 205 -27.30 12.07 -21.96
CA ALA D 205 -26.41 10.95 -21.79
C ALA D 205 -25.01 11.20 -22.34
N LYS D 206 -24.01 10.55 -21.72
CA LYS D 206 -22.63 10.68 -22.18
C LYS D 206 -22.34 9.46 -23.04
N ASP D 207 -21.84 9.69 -24.25
CA ASP D 207 -21.50 8.62 -25.18
C ASP D 207 -22.72 7.73 -25.43
N ARG D 208 -23.90 8.29 -25.20
CA ARG D 208 -25.17 7.58 -25.39
C ARG D 208 -25.22 6.25 -24.64
N ASN D 209 -24.46 6.13 -23.55
CA ASN D 209 -24.47 4.90 -22.78
C ASN D 209 -24.65 5.12 -21.27
N ARG D 210 -24.70 6.38 -20.85
CA ARG D 210 -24.84 6.70 -19.44
C ARG D 210 -25.28 8.12 -19.11
N TRP D 211 -26.05 8.25 -18.04
CA TRP D 211 -26.52 9.53 -17.55
C TRP D 211 -25.61 9.72 -16.34
N GLU D 212 -24.47 10.35 -16.62
CA GLU D 212 -23.44 10.54 -15.61
C GLU D 212 -23.25 11.91 -15.00
N GLU D 213 -22.91 11.88 -13.71
CA GLU D 213 -22.62 13.05 -12.92
C GLU D 213 -21.21 12.74 -12.43
N PRO D 214 -20.29 13.72 -12.55
CA PRO D 214 -18.91 13.52 -12.13
C PRO D 214 -18.69 13.05 -10.69
N GLY D 215 -17.86 12.02 -10.53
CA GLY D 215 -17.53 11.51 -9.21
C GLY D 215 -18.68 10.91 -8.43
N GLN D 216 -19.69 10.40 -9.12
CA GLN D 216 -20.85 9.82 -8.46
C GLN D 216 -21.18 8.45 -9.08
N GLN D 217 -20.23 7.54 -8.97
CA GLN D 217 -20.37 6.21 -9.53
C GLN D 217 -21.73 5.57 -9.29
N LEU D 218 -22.13 5.42 -8.03
CA LEU D 218 -23.40 4.77 -7.72
C LEU D 218 -24.64 5.55 -8.16
N TYR D 219 -24.56 6.89 -8.15
CA TYR D 219 -25.69 7.70 -8.58
C TYR D 219 -25.90 7.39 -10.06
N ASN D 220 -24.77 7.22 -10.76
CA ASN D 220 -24.76 6.97 -12.19
C ASN D 220 -25.29 5.61 -12.62
N VAL D 221 -25.01 4.58 -11.83
CA VAL D 221 -25.50 3.24 -12.13
C VAL D 221 -27.02 3.28 -11.97
N GLU D 222 -27.47 3.87 -10.88
CA GLU D 222 -28.91 3.99 -10.61
C GLU D 222 -29.61 4.80 -11.71
N ALA D 223 -29.10 5.99 -11.99
CA ALA D 223 -29.68 6.86 -13.00
C ALA D 223 -29.75 6.17 -14.36
N THR D 224 -28.65 5.55 -14.76
CA THR D 224 -28.58 4.85 -16.04
C THR D 224 -29.53 3.66 -16.11
N SER D 225 -29.87 3.10 -14.95
CA SER D 225 -30.80 1.97 -14.90
C SER D 225 -32.20 2.50 -15.19
N TYR D 226 -32.55 3.61 -14.55
CA TYR D 226 -33.85 4.23 -14.77
C TYR D 226 -33.95 4.56 -16.26
N ALA D 227 -32.87 5.11 -16.80
CA ALA D 227 -32.81 5.49 -18.21
C ALA D 227 -32.99 4.25 -19.09
N LEU D 228 -32.32 3.16 -18.75
CA LEU D 228 -32.45 1.93 -19.51
C LEU D 228 -33.89 1.43 -19.50
N LEU D 229 -34.55 1.57 -18.36
CA LEU D 229 -35.93 1.13 -18.24
C LEU D 229 -36.84 2.00 -19.12
N ALA D 230 -36.54 3.29 -19.17
CA ALA D 230 -37.30 4.22 -19.98
C ALA D 230 -37.20 3.82 -21.46
N LEU D 231 -35.97 3.61 -21.91
CA LEU D 231 -35.68 3.22 -23.28
C LEU D 231 -36.39 1.92 -23.63
N LEU D 232 -36.43 1.00 -22.68
CA LEU D 232 -37.11 -0.27 -22.90
C LEU D 232 -38.60 -0.01 -23.10
N LEU D 233 -39.13 0.91 -22.32
CA LEU D 233 -40.55 1.30 -22.40
C LEU D 233 -40.87 1.91 -23.75
N LEU D 234 -39.92 2.64 -24.32
CA LEU D 234 -40.12 3.28 -25.62
C LEU D 234 -39.80 2.29 -26.75
N LYS D 235 -39.19 1.17 -26.39
CA LYS D 235 -38.81 0.13 -27.34
C LYS D 235 -37.76 0.66 -28.32
N ASP D 236 -36.97 1.63 -27.87
CA ASP D 236 -35.92 2.22 -28.68
C ASP D 236 -34.71 1.31 -28.56
N PHE D 237 -34.84 0.10 -29.07
CA PHE D 237 -33.76 -0.89 -29.01
C PHE D 237 -32.51 -0.44 -29.76
N ASP D 238 -32.54 0.79 -30.27
CA ASP D 238 -31.41 1.35 -30.99
C ASP D 238 -30.35 1.82 -30.00
N SER D 239 -30.78 2.56 -28.98
CA SER D 239 -29.87 3.08 -27.97
C SER D 239 -29.76 2.19 -26.74
N VAL D 240 -30.49 1.08 -26.73
CA VAL D 240 -30.46 0.17 -25.60
C VAL D 240 -29.13 -0.57 -25.44
N PRO D 241 -28.63 -1.22 -26.51
CA PRO D 241 -27.36 -1.94 -26.41
C PRO D 241 -26.21 -1.21 -25.69
N PRO D 242 -25.84 -0.01 -26.15
CA PRO D 242 -24.75 0.73 -25.50
C PRO D 242 -24.97 0.92 -24.00
N VAL D 243 -26.18 1.28 -23.62
CA VAL D 243 -26.51 1.47 -22.21
C VAL D 243 -26.35 0.17 -21.41
N VAL D 244 -26.94 -0.91 -21.93
CA VAL D 244 -26.85 -2.20 -21.25
C VAL D 244 -25.39 -2.61 -21.05
N ARG D 245 -24.56 -2.38 -22.07
CA ARG D 245 -23.15 -2.73 -22.00
C ARG D 245 -22.44 -1.99 -20.86
N TRP D 246 -22.61 -0.68 -20.81
CA TRP D 246 -21.99 0.13 -19.75
C TRP D 246 -22.49 -0.32 -18.37
N LEU D 247 -23.81 -0.29 -18.20
CA LEU D 247 -24.42 -0.70 -16.94
C LEU D 247 -23.80 -2.02 -16.50
N ASN D 248 -23.62 -2.90 -17.47
CA ASN D 248 -23.04 -4.21 -17.26
C ASN D 248 -21.60 -4.20 -16.76
N ASP D 249 -20.86 -3.15 -17.12
CA ASP D 249 -19.46 -3.04 -16.72
C ASP D 249 -19.26 -2.32 -15.40
N GLU D 250 -20.31 -1.70 -14.87
CA GLU D 250 -20.17 -0.96 -13.63
C GLU D 250 -19.87 -1.79 -12.40
N ARG D 251 -18.76 -1.44 -11.75
CA ARG D 251 -18.25 -2.11 -10.57
C ARG D 251 -19.10 -1.88 -9.34
N TYR D 252 -20.41 -1.95 -9.51
CA TYR D 252 -21.33 -1.76 -8.40
C TYR D 252 -20.95 -2.54 -7.13
N TYR D 253 -21.35 -2.02 -5.97
CA TYR D 253 -21.01 -2.63 -4.70
C TYR D 253 -22.15 -3.09 -3.80
N GLY D 254 -22.76 -4.19 -4.22
CA GLY D 254 -23.85 -4.81 -3.49
C GLY D 254 -24.36 -4.41 -2.15
N GLY D 255 -23.78 -5.03 -1.13
CA GLY D 255 -24.18 -4.73 0.22
C GLY D 255 -23.29 -3.68 0.87
N GLY D 256 -22.66 -2.86 0.05
CA GLY D 256 -21.78 -1.83 0.57
C GLY D 256 -22.49 -0.53 0.88
N TYR D 257 -21.90 0.23 1.79
CA TYR D 257 -22.42 1.52 2.21
C TYR D 257 -22.78 2.41 1.02
N GLY D 258 -24.02 2.89 1.00
CA GLY D 258 -24.47 3.78 -0.06
C GLY D 258 -24.91 3.15 -1.37
N SER D 259 -25.05 1.83 -1.39
CA SER D 259 -25.44 1.12 -2.60
C SER D 259 -26.88 0.58 -2.65
N THR D 260 -27.77 1.09 -1.81
CA THR D 260 -29.13 0.56 -1.88
C THR D 260 -29.85 0.80 -3.20
N GLN D 261 -29.90 2.06 -3.63
CA GLN D 261 -30.61 2.42 -4.87
C GLN D 261 -30.04 1.83 -6.15
N ALA D 262 -28.72 1.77 -6.24
CA ALA D 262 -28.09 1.23 -7.44
C ALA D 262 -28.24 -0.29 -7.53
N THR D 263 -28.33 -0.95 -6.39
CA THR D 263 -28.48 -2.41 -6.38
C THR D 263 -29.87 -2.75 -6.91
N PHE D 264 -30.88 -2.16 -6.29
CA PHE D 264 -32.23 -2.42 -6.70
C PHE D 264 -32.43 -2.08 -8.17
N MET D 265 -32.04 -0.88 -8.55
CA MET D 265 -32.24 -0.41 -9.91
C MET D 265 -31.46 -1.15 -11.00
N VAL D 266 -30.21 -1.49 -10.72
CA VAL D 266 -29.42 -2.17 -11.75
C VAL D 266 -30.03 -3.53 -12.10
N PHE D 267 -30.41 -4.29 -11.09
CA PHE D 267 -30.97 -5.62 -11.31
C PHE D 267 -32.39 -5.56 -11.86
N GLN D 268 -33.16 -4.53 -11.47
CA GLN D 268 -34.50 -4.40 -12.00
C GLN D 268 -34.40 -4.10 -13.49
N ALA D 269 -33.45 -3.24 -13.83
CA ALA D 269 -33.23 -2.82 -15.21
C ALA D 269 -32.64 -3.92 -16.10
N LEU D 270 -31.66 -4.65 -15.56
CA LEU D 270 -31.03 -5.72 -16.32
C LEU D 270 -32.03 -6.85 -16.49
N ALA D 271 -32.87 -7.06 -15.47
CA ALA D 271 -33.87 -8.11 -15.55
C ALA D 271 -34.85 -7.75 -16.65
N GLN D 272 -35.27 -6.49 -16.65
CA GLN D 272 -36.23 -6.00 -17.64
C GLN D 272 -35.67 -6.11 -19.05
N TYR D 273 -34.38 -5.82 -19.21
CA TYR D 273 -33.76 -5.90 -20.53
C TYR D 273 -33.89 -7.31 -21.10
N ARG D 274 -33.72 -8.32 -20.25
CA ARG D 274 -33.81 -9.70 -20.67
C ARG D 274 -35.25 -10.08 -21.02
N ALA D 275 -36.17 -9.79 -20.11
CA ALA D 275 -37.58 -10.09 -20.31
C ALA D 275 -38.14 -9.30 -21.48
N ASP D 276 -37.37 -8.34 -21.97
CA ASP D 276 -37.81 -7.52 -23.06
C ASP D 276 -37.38 -7.77 -24.50
#